data_7YQQ
#
_entry.id   7YQQ
#
_cell.length_a   115.740
_cell.length_b   115.740
_cell.length_c   318.110
_cell.angle_alpha   90.000
_cell.angle_beta   90.000
_cell.angle_gamma   120.000
#
_symmetry.space_group_name_H-M   'P 61 2 2'
#
loop_
_entity.id
_entity.type
_entity.pdbx_description
1 polymer 'Pre-B cell enhancing factor related protein'
2 non-polymer 'BETA-NICOTINAMIDE RIBOSE MONOPHOSPHATE'
3 non-polymer 'PHOSPHATE ION'
4 water water
#
_entity_poly.entity_id   1
_entity_poly.type   'polypeptide(L)'
_entity_poly.pdbx_seq_one_letter_code
;MGSSHHHHHHSQGSMHYLDNLLLNTDSYKASHWLQYPPGTDASFFYVESRGGVYDQTAFFGLQSILKEAINRPVTHADID
DAKALLAAHGEPFNEAGWRDIVDRLGGQLPIRIRAVPEGCVVPTHNVLMTIESTDAKAFWVPSYLETLLLRVWYPVTVAT
VSWQVKQIVRDFLQRTSDDPEGQLPFKLHDFGARGVSSLGSAALGGAAHLVNFLGTDTLSALLLARAHYHTPVAGYSIPA
AEHSTITSWGREREVDAYRNMLTQFARPGAIVAVVSDSYDIYRAIREHWGTTLREEIIASGATVVIRPDSGDPVDVVEQC
LLLLDEAFGHQVNGKGYKVLNHVRVIQGDGINPQSLRAILERITAAGYAADNVAFGMGGALLQKVDRDTQKFALKCSAVR
VDGAWIDVYKDPITDQGKQSKRGRLTLLRDRATGQYRSALLDEVATHAGDSDDALVTVWENGQMLREWTLEQVRAHADAA
RL
;
_entity_poly.pdbx_strand_id   A,B
#
# COMPACT_ATOMS: atom_id res chain seq x y z
N MET A 15 12.19 5.44 -8.08
CA MET A 15 12.52 6.20 -9.28
C MET A 15 13.28 7.49 -8.90
N HIS A 16 13.87 8.12 -9.91
CA HIS A 16 14.86 9.17 -9.71
C HIS A 16 14.31 10.39 -8.96
N TYR A 17 13.05 10.78 -9.20
CA TYR A 17 12.52 11.98 -8.55
C TYR A 17 12.43 11.84 -7.03
N LEU A 18 12.50 10.64 -6.47
CA LEU A 18 12.37 10.42 -5.03
C LEU A 18 13.71 10.20 -4.35
N ASP A 19 14.83 10.44 -5.05
CA ASP A 19 16.10 9.88 -4.61
C ASP A 19 16.65 10.57 -3.37
N ASN A 20 16.34 11.84 -3.18
CA ASN A 20 16.90 12.69 -2.12
C ASN A 20 16.41 12.27 -0.73
N LEU A 21 17.35 11.80 0.11
CA LEU A 21 17.03 11.33 1.45
C LEU A 21 16.53 12.46 2.33
N LEU A 22 17.03 13.67 2.12
CA LEU A 22 16.65 14.82 2.96
C LEU A 22 15.18 15.20 2.81
N LEU A 23 14.51 14.73 1.75
CA LEU A 23 13.09 14.98 1.58
C LEU A 23 12.25 13.73 1.86
N ASN A 24 12.86 12.67 2.36
CA ASN A 24 12.15 11.43 2.73
C ASN A 24 11.85 11.43 4.22
N THR A 25 10.92 12.32 4.61
CA THR A 25 10.55 12.54 6.00
C THR A 25 9.26 13.38 6.02
N ASP A 26 8.54 13.33 7.15
CA ASP A 26 7.46 14.30 7.39
C ASP A 26 8.04 15.70 7.47
N SER A 27 7.26 16.69 7.00
CA SER A 27 7.78 18.05 6.96
C SER A 27 8.20 18.53 8.36
N TYR A 28 7.34 18.34 9.36
CA TYR A 28 7.62 18.92 10.66
C TYR A 28 8.90 18.33 11.29
N LYS A 29 9.23 17.08 10.98
CA LYS A 29 10.43 16.49 11.58
C LYS A 29 11.72 17.07 11.02
N ALA A 30 11.68 17.71 9.85
CA ALA A 30 12.88 18.41 9.37
C ALA A 30 13.29 19.52 10.32
N SER A 31 12.33 20.10 11.03
CA SER A 31 12.59 21.22 11.92
C SER A 31 12.80 20.77 13.38
N HIS A 32 12.93 19.47 13.64
CA HIS A 32 13.02 19.02 15.03
C HIS A 32 14.33 19.38 15.71
N TRP A 33 15.41 19.64 14.97
CA TRP A 33 16.68 19.91 15.63
C TRP A 33 16.61 21.17 16.50
N LEU A 34 15.71 22.11 16.17
CA LEU A 34 15.53 23.33 16.94
C LEU A 34 14.78 23.11 18.24
N GLN A 35 14.25 21.91 18.46
CA GLN A 35 13.39 21.67 19.59
C GLN A 35 14.10 20.93 20.71
N TYR A 36 15.35 20.60 20.53
CA TYR A 36 16.09 19.93 21.57
C TYR A 36 16.61 20.94 22.59
N PRO A 37 16.68 20.55 23.86
CA PRO A 37 17.33 21.42 24.87
C PRO A 37 18.71 21.88 24.42
N PRO A 38 19.18 23.00 24.93
CA PRO A 38 20.58 23.39 24.70
C PRO A 38 21.53 22.42 25.35
N GLY A 39 22.68 22.23 24.72
CA GLY A 39 23.62 21.24 25.23
C GLY A 39 23.17 19.80 25.09
N THR A 40 22.20 19.53 24.23
CA THR A 40 21.92 18.14 23.86
C THR A 40 23.03 17.61 22.95
N ASP A 41 23.45 16.38 23.23
CA ASP A 41 24.66 15.77 22.72
C ASP A 41 24.45 14.48 21.95
N ALA A 42 23.30 13.84 22.10
CA ALA A 42 23.11 12.50 21.55
C ALA A 42 21.65 12.13 21.76
N SER A 43 21.19 11.16 20.97
CA SER A 43 19.82 10.66 21.10
C SER A 43 19.81 9.16 20.82
N PHE A 44 18.78 8.51 21.36
CA PHE A 44 18.61 7.06 21.30
C PHE A 44 17.13 6.76 21.14
N PHE A 45 16.80 5.94 20.13
CA PHE A 45 15.42 5.61 19.79
C PHE A 45 15.26 4.10 19.75
N TYR A 46 14.02 3.62 19.88
CA TYR A 46 13.74 2.21 19.68
C TYR A 46 12.41 2.04 18.95
N VAL A 47 12.26 0.87 18.33
CA VAL A 47 11.07 0.48 17.59
C VAL A 47 10.47 -0.74 18.28
N GLU A 48 9.15 -0.74 18.43
CA GLU A 48 8.44 -1.88 18.99
C GLU A 48 7.02 -1.93 18.44
N SER A 49 6.43 -3.12 18.54
CA SER A 49 4.98 -3.30 18.46
C SER A 49 4.37 -3.13 19.85
N ARG A 50 3.41 -2.19 19.98
CA ARG A 50 2.76 -1.95 21.27
C ARG A 50 1.51 -2.82 21.45
N GLY A 51 1.40 -3.90 20.70
CA GLY A 51 0.23 -4.75 20.81
C GLY A 51 -0.44 -4.83 19.46
N GLY A 52 -1.71 -5.20 19.45
CA GLY A 52 -2.48 -5.24 18.22
C GLY A 52 -3.10 -6.61 18.01
N VAL A 53 -3.22 -6.98 16.73
CA VAL A 53 -3.96 -8.20 16.37
C VAL A 53 -3.27 -9.44 16.91
N TYR A 54 -1.93 -9.51 16.79
CA TYR A 54 -1.18 -10.69 17.22
C TYR A 54 -0.21 -10.34 18.35
N ASP A 55 0.10 -11.35 19.17
CA ASP A 55 0.96 -11.22 20.34
C ASP A 55 2.45 -11.27 20.02
N GLN A 56 2.82 -11.49 18.76
CA GLN A 56 4.22 -11.62 18.38
C GLN A 56 4.32 -11.24 16.92
N THR A 57 5.48 -10.70 16.54
CA THR A 57 5.70 -10.21 15.19
C THR A 57 6.94 -10.86 14.60
N ALA A 58 6.86 -11.30 13.35
CA ALA A 58 8.07 -11.67 12.61
C ALA A 58 8.74 -10.39 12.14
N PHE A 59 9.97 -10.14 12.61
CA PHE A 59 10.68 -8.93 12.22
C PHE A 59 11.27 -9.12 10.83
N PHE A 60 10.92 -8.22 9.91
CA PHE A 60 11.41 -8.32 8.53
C PHE A 60 11.36 -6.97 7.83
N GLY A 61 12.30 -6.76 6.91
CA GLY A 61 12.23 -5.72 5.90
C GLY A 61 13.16 -4.56 6.13
N LEU A 62 13.85 -4.53 7.27
CA LEU A 62 14.67 -3.36 7.58
C LEU A 62 15.86 -3.27 6.64
N GLN A 63 16.46 -4.42 6.34
CA GLN A 63 17.56 -4.51 5.38
C GLN A 63 17.17 -3.89 4.03
N SER A 64 15.98 -4.21 3.53
CA SER A 64 15.56 -3.63 2.25
C SER A 64 15.39 -2.13 2.38
N ILE A 65 14.78 -1.68 3.50
CA ILE A 65 14.53 -0.25 3.71
C ILE A 65 15.84 0.53 3.73
N LEU A 66 16.83 0.02 4.44
CA LEU A 66 18.12 0.71 4.52
C LEU A 66 18.83 0.73 3.17
N LYS A 67 18.88 -0.42 2.47
CA LYS A 67 19.55 -0.46 1.18
C LYS A 67 18.91 0.53 0.20
N GLU A 68 17.58 0.65 0.23
CA GLU A 68 16.90 1.50 -0.75
C GLU A 68 16.85 2.97 -0.34
N ALA A 69 16.65 3.28 0.94
CA ALA A 69 16.47 4.68 1.31
C ALA A 69 17.77 5.38 1.66
N ILE A 70 18.79 4.63 2.06
CA ILE A 70 20.11 5.21 2.30
C ILE A 70 21.10 4.51 1.40
N ASN A 71 21.06 4.82 0.11
CA ASN A 71 21.86 4.08 -0.86
C ASN A 71 23.08 4.85 -1.30
N ARG A 72 23.26 6.09 -0.85
CA ARG A 72 24.41 6.87 -1.24
C ARG A 72 24.68 7.91 -0.17
N PRO A 73 25.88 8.49 -0.14
CA PRO A 73 26.11 9.64 0.72
C PRO A 73 25.21 10.80 0.33
N VAL A 74 24.85 11.60 1.34
CA VAL A 74 24.17 12.86 1.09
C VAL A 74 25.15 13.82 0.43
N THR A 75 24.64 14.64 -0.49
CA THR A 75 25.46 15.54 -1.29
C THR A 75 25.02 16.99 -1.08
N HIS A 76 25.86 17.90 -1.54
CA HIS A 76 25.50 19.31 -1.57
C HIS A 76 24.29 19.55 -2.44
N ALA A 77 24.18 18.83 -3.55
CA ALA A 77 23.01 18.99 -4.40
C ALA A 77 21.75 18.57 -3.67
N ASP A 78 21.82 17.47 -2.90
CA ASP A 78 20.69 17.10 -2.05
C ASP A 78 20.29 18.27 -1.16
N ILE A 79 21.29 18.95 -0.59
CA ILE A 79 21.01 20.01 0.37
C ILE A 79 20.39 21.21 -0.34
N ASP A 80 20.94 21.60 -1.50
CA ASP A 80 20.36 22.72 -2.27
C ASP A 80 18.90 22.45 -2.58
N ASP A 81 18.62 21.29 -3.15
CA ASP A 81 17.25 20.92 -3.51
C ASP A 81 16.33 20.95 -2.29
N ALA A 82 16.79 20.44 -1.15
CA ALA A 82 15.91 20.37 0.02
C ALA A 82 15.75 21.74 0.66
N LYS A 83 16.80 22.55 0.65
CA LYS A 83 16.68 23.90 1.18
C LYS A 83 15.67 24.73 0.38
N ALA A 84 15.71 24.61 -0.95
CA ALA A 84 14.79 25.39 -1.77
C ALA A 84 13.35 24.92 -1.56
N LEU A 85 13.11 23.60 -1.64
CA LEU A 85 11.74 23.10 -1.55
C LEU A 85 11.12 23.39 -0.20
N LEU A 86 11.89 23.16 0.88
CA LEU A 86 11.36 23.30 2.24
C LEU A 86 11.12 24.77 2.59
N ALA A 87 11.92 25.69 2.04
CA ALA A 87 11.60 27.10 2.28
C ALA A 87 10.29 27.48 1.58
N ALA A 88 10.11 27.05 0.33
CA ALA A 88 8.86 27.34 -0.38
C ALA A 88 7.67 26.65 0.27
N HIS A 89 7.86 25.40 0.70
CA HIS A 89 6.80 24.63 1.34
C HIS A 89 6.43 25.21 2.71
N GLY A 90 7.37 25.91 3.37
CA GLY A 90 7.12 26.55 4.65
C GLY A 90 7.80 25.94 5.90
N GLU A 91 8.85 25.14 5.72
CA GLU A 91 9.49 24.48 6.84
C GLU A 91 10.89 25.02 7.07
N PRO A 92 11.30 25.21 8.33
CA PRO A 92 12.72 25.47 8.59
C PRO A 92 13.54 24.26 8.19
N PHE A 93 14.79 24.51 7.78
CA PHE A 93 15.69 23.47 7.32
C PHE A 93 17.11 23.76 7.79
N ASN A 94 17.73 22.77 8.42
CA ASN A 94 19.05 22.95 9.06
C ASN A 94 20.13 22.79 8.01
N GLU A 95 20.25 23.81 7.15
CA GLU A 95 21.26 23.77 6.10
C GLU A 95 22.67 23.58 6.66
N ALA A 96 23.07 24.38 7.66
CA ALA A 96 24.43 24.27 8.19
C ALA A 96 24.68 22.89 8.78
N GLY A 97 23.67 22.30 9.42
CA GLY A 97 23.85 20.98 9.99
C GLY A 97 24.08 19.92 8.92
N TRP A 98 23.30 19.98 7.83
CA TRP A 98 23.51 19.02 6.76
C TRP A 98 24.82 19.28 6.02
N ARG A 99 25.21 20.55 5.84
CA ARG A 99 26.46 20.84 5.14
C ARG A 99 27.65 20.29 5.91
N ASP A 100 27.61 20.41 7.24
CA ASP A 100 28.66 19.82 8.06
C ASP A 100 28.70 18.31 7.88
N ILE A 101 27.53 17.66 7.79
CA ILE A 101 27.51 16.21 7.62
C ILE A 101 28.14 15.83 6.28
N VAL A 102 27.94 16.66 5.25
CA VAL A 102 28.51 16.36 3.95
C VAL A 102 30.00 16.68 3.94
N ASP A 103 30.38 17.82 4.53
CA ASP A 103 31.75 18.26 4.43
C ASP A 103 32.68 17.50 5.36
N ARG A 104 32.21 17.17 6.55
CA ARG A 104 33.03 16.56 7.59
C ARG A 104 32.87 15.05 7.67
N LEU A 105 31.66 14.52 7.46
CA LEU A 105 31.41 13.09 7.61
C LEU A 105 31.18 12.41 6.26
N GLY A 106 31.71 12.98 5.19
CA GLY A 106 31.55 12.41 3.85
C GLY A 106 30.12 12.06 3.45
N GLY A 107 29.15 12.80 3.97
CA GLY A 107 27.74 12.55 3.71
C GLY A 107 27.21 11.25 4.27
N GLN A 108 27.92 10.62 5.22
CA GLN A 108 27.46 9.36 5.78
C GLN A 108 26.71 9.64 7.07
N LEU A 109 25.50 9.10 7.19
CA LEU A 109 24.65 9.39 8.34
C LEU A 109 25.32 8.90 9.63
N PRO A 110 25.62 9.79 10.58
CA PRO A 110 26.27 9.38 11.84
C PRO A 110 25.27 8.70 12.78
N ILE A 111 24.88 7.47 12.43
CA ILE A 111 23.96 6.71 13.27
C ILE A 111 24.43 5.27 13.35
N ARG A 112 24.02 4.61 14.43
CA ARG A 112 24.19 3.17 14.61
C ARG A 112 22.82 2.55 14.80
N ILE A 113 22.50 1.57 13.98
CA ILE A 113 21.23 0.85 14.02
C ILE A 113 21.52 -0.57 14.44
N ARG A 114 20.82 -1.04 15.48
CA ARG A 114 20.86 -2.42 15.93
C ARG A 114 19.48 -3.04 15.76
N ALA A 115 19.44 -4.34 15.47
CA ALA A 115 18.15 -4.92 15.22
C ALA A 115 18.19 -6.42 15.49
N VAL A 116 17.02 -6.98 15.75
CA VAL A 116 16.92 -8.43 15.89
C VAL A 116 17.08 -9.05 14.51
N PRO A 117 17.77 -10.20 14.39
CA PRO A 117 17.97 -10.77 13.05
C PRO A 117 16.65 -10.99 12.36
N GLU A 118 16.57 -10.58 11.10
CA GLU A 118 15.29 -10.65 10.40
C GLU A 118 14.79 -12.09 10.35
N GLY A 119 13.50 -12.25 10.53
CA GLY A 119 12.88 -13.54 10.59
C GLY A 119 12.59 -14.03 11.99
N CYS A 120 13.32 -13.54 12.99
CA CYS A 120 12.95 -13.88 14.35
C CYS A 120 11.53 -13.41 14.65
N VAL A 121 10.84 -14.17 15.49
CA VAL A 121 9.48 -13.86 15.92
C VAL A 121 9.54 -13.49 17.40
N VAL A 122 9.11 -12.27 17.70
CA VAL A 122 9.35 -11.63 18.99
C VAL A 122 8.02 -11.20 19.59
N PRO A 123 7.74 -11.52 20.86
CA PRO A 123 6.51 -11.02 21.50
C PRO A 123 6.39 -9.51 21.41
N THR A 124 5.15 -9.03 21.37
CA THR A 124 4.88 -7.60 21.38
C THR A 124 5.45 -6.94 22.64
N HIS A 125 5.56 -5.62 22.58
CA HIS A 125 6.06 -4.81 23.68
C HIS A 125 7.56 -5.02 23.91
N ASN A 126 8.31 -5.30 22.83
CA ASN A 126 9.73 -5.60 22.92
C ASN A 126 10.52 -4.78 21.91
N VAL A 127 11.68 -4.31 22.34
CA VAL A 127 12.64 -3.64 21.48
C VAL A 127 12.99 -4.51 20.27
N LEU A 128 12.60 -4.06 19.08
CA LEU A 128 12.96 -4.73 17.84
C LEU A 128 14.18 -4.10 17.18
N MET A 129 14.35 -2.80 17.30
CA MET A 129 15.55 -2.14 16.81
C MET A 129 15.76 -0.89 17.61
N THR A 130 17.02 -0.46 17.62
CA THR A 130 17.42 0.78 18.25
C THR A 130 18.19 1.60 17.24
N ILE A 131 18.09 2.91 17.36
CA ILE A 131 18.80 3.86 16.52
C ILE A 131 19.49 4.85 17.45
N GLU A 132 20.79 4.99 17.31
CA GLU A 132 21.54 5.88 18.21
C GLU A 132 22.42 6.81 17.37
N SER A 133 22.56 8.04 17.84
CA SER A 133 23.48 8.98 17.22
C SER A 133 24.91 8.60 17.53
N THR A 134 25.80 8.78 16.54
CA THR A 134 27.22 8.53 16.74
C THR A 134 28.06 9.80 16.57
N ASP A 135 27.46 10.98 16.64
CA ASP A 135 28.23 12.22 16.48
C ASP A 135 27.58 13.32 17.32
N ALA A 136 28.41 14.00 18.10
CA ALA A 136 27.90 14.99 19.05
C ALA A 136 27.20 16.14 18.34
N LYS A 137 27.82 16.68 17.29
CA LYS A 137 27.22 17.80 16.59
C LYS A 137 25.91 17.40 15.91
N ALA A 138 25.94 16.30 15.16
CA ALA A 138 24.83 15.79 14.38
C ALA A 138 23.98 14.78 15.15
N PHE A 139 23.69 15.07 16.42
CA PHE A 139 22.96 14.14 17.27
C PHE A 139 21.51 13.95 16.84
N TRP A 140 20.98 14.86 16.02
CA TRP A 140 19.56 14.92 15.69
C TRP A 140 19.18 14.07 14.49
N VAL A 141 20.15 13.40 13.86
CA VAL A 141 19.84 12.62 12.65
C VAL A 141 18.84 11.51 12.90
N PRO A 142 18.87 10.76 14.02
CA PRO A 142 17.87 9.68 14.18
C PRO A 142 16.44 10.16 14.03
N SER A 143 16.07 11.27 14.69
CA SER A 143 14.70 11.76 14.59
C SER A 143 14.35 12.15 13.16
N TYR A 144 15.36 12.59 12.39
CA TYR A 144 15.11 12.90 10.99
C TYR A 144 14.63 11.67 10.21
N LEU A 145 15.09 10.47 10.60
CA LEU A 145 14.80 9.24 9.88
C LEU A 145 13.57 8.50 10.42
N GLU A 146 12.86 9.06 11.41
CA GLU A 146 11.72 8.35 11.99
C GLU A 146 10.73 7.91 10.94
N THR A 147 10.44 8.78 9.96
CA THR A 147 9.37 8.49 9.00
C THR A 147 9.71 7.27 8.16
N LEU A 148 10.91 7.25 7.58
CA LEU A 148 11.23 6.12 6.70
C LEU A 148 11.47 4.86 7.51
N LEU A 149 12.01 4.99 8.71
CA LEU A 149 12.27 3.83 9.54
C LEU A 149 10.97 3.22 10.06
N LEU A 150 10.05 4.06 10.54
CA LEU A 150 8.80 3.55 11.09
C LEU A 150 7.98 2.77 10.05
N ARG A 151 8.19 3.05 8.75
CA ARG A 151 7.52 2.25 7.73
C ARG A 151 7.99 0.79 7.72
N VAL A 152 8.97 0.42 8.56
CA VAL A 152 9.24 -1.00 8.77
C VAL A 152 7.99 -1.73 9.29
N TRP A 153 7.02 -0.99 9.84
CA TRP A 153 5.78 -1.63 10.27
C TRP A 153 5.17 -2.47 9.17
N TYR A 154 5.36 -2.07 7.91
CA TYR A 154 4.64 -2.76 6.84
C TYR A 154 5.22 -4.14 6.56
N PRO A 155 6.48 -4.30 6.19
CA PRO A 155 6.99 -5.67 5.98
C PRO A 155 6.92 -6.50 7.25
N VAL A 156 7.03 -5.89 8.43
CA VAL A 156 6.89 -6.67 9.65
C VAL A 156 5.48 -7.22 9.74
N THR A 157 4.49 -6.37 9.49
CA THR A 157 3.10 -6.80 9.64
C THR A 157 2.73 -7.82 8.58
N VAL A 158 3.13 -7.60 7.32
CA VAL A 158 2.84 -8.60 6.28
C VAL A 158 3.52 -9.92 6.63
N ALA A 159 4.82 -9.87 6.98
CA ALA A 159 5.53 -11.10 7.36
C ALA A 159 4.82 -11.80 8.50
N THR A 160 4.27 -11.02 9.44
CA THR A 160 3.58 -11.59 10.59
C THR A 160 2.27 -12.26 10.18
N VAL A 161 1.47 -11.58 9.36
CA VAL A 161 0.21 -12.19 8.93
C VAL A 161 0.48 -13.51 8.21
N SER A 162 1.44 -13.47 7.30
CA SER A 162 1.80 -14.68 6.57
C SER A 162 2.28 -15.76 7.55
N TRP A 163 3.12 -15.38 8.52
CA TRP A 163 3.62 -16.35 9.49
C TRP A 163 2.47 -16.96 10.29
N GLN A 164 1.47 -16.15 10.69
CA GLN A 164 0.36 -16.65 11.50
C GLN A 164 -0.48 -17.63 10.72
N VAL A 165 -0.69 -17.37 9.42
CA VAL A 165 -1.40 -18.32 8.59
C VAL A 165 -0.61 -19.62 8.47
N LYS A 166 0.71 -19.51 8.40
CA LYS A 166 1.53 -20.71 8.31
C LYS A 166 1.33 -21.59 9.54
N GLN A 167 1.18 -20.99 10.73
CA GLN A 167 1.00 -21.82 11.94
C GLN A 167 -0.34 -22.54 11.91
N ILE A 168 -1.39 -21.88 11.44
CA ILE A 168 -2.68 -22.55 11.29
C ILE A 168 -2.58 -23.70 10.28
N VAL A 169 -2.02 -23.43 9.08
CA VAL A 169 -1.94 -24.49 8.08
C VAL A 169 -1.07 -25.63 8.58
N ARG A 170 0.07 -25.30 9.20
CA ARG A 170 0.97 -26.33 9.69
C ARG A 170 0.27 -27.23 10.70
N ASP A 171 -0.55 -26.66 11.57
CA ASP A 171 -1.29 -27.48 12.53
C ASP A 171 -2.15 -28.52 11.81
N PHE A 172 -2.91 -28.10 10.80
CA PHE A 172 -3.82 -29.02 10.12
C PHE A 172 -3.07 -30.04 9.27
N LEU A 173 -1.99 -29.63 8.60
CA LEU A 173 -1.16 -30.60 7.88
C LEU A 173 -0.55 -31.61 8.85
N GLN A 174 -0.09 -31.17 10.02
CA GLN A 174 0.41 -32.10 11.02
C GLN A 174 -0.66 -33.12 11.41
N ARG A 175 -1.93 -32.68 11.47
CA ARG A 175 -2.97 -33.62 11.84
C ARG A 175 -3.36 -34.57 10.71
N THR A 176 -3.27 -34.13 9.43
CA THR A 176 -3.96 -34.83 8.35
C THR A 176 -3.10 -35.22 7.16
N SER A 177 -1.82 -34.84 7.14
CA SER A 177 -0.92 -35.08 6.02
C SER A 177 0.18 -36.07 6.36
N ASP A 178 0.62 -36.81 5.35
CA ASP A 178 1.78 -37.66 5.51
C ASP A 178 3.09 -36.88 5.42
N ASP A 179 3.07 -35.69 4.82
CA ASP A 179 4.29 -34.91 4.58
C ASP A 179 4.02 -33.45 4.90
N PRO A 180 3.84 -33.11 6.18
CA PRO A 180 3.36 -31.75 6.49
C PRO A 180 4.35 -30.66 6.10
N GLU A 181 5.66 -30.86 6.29
CA GLU A 181 6.60 -29.80 5.93
C GLU A 181 6.93 -29.80 4.44
N GLY A 182 6.73 -30.93 3.75
CA GLY A 182 6.84 -30.93 2.31
C GLY A 182 5.69 -30.20 1.64
N GLN A 183 4.49 -30.23 2.28
CA GLN A 183 3.30 -29.60 1.72
C GLN A 183 3.25 -28.11 2.05
N LEU A 184 3.64 -27.76 3.28
CA LEU A 184 3.38 -26.43 3.84
C LEU A 184 3.91 -25.27 3.01
N PRO A 185 5.10 -25.34 2.37
CA PRO A 185 5.62 -24.14 1.68
C PRO A 185 4.74 -23.65 0.55
N PHE A 186 3.78 -24.43 0.08
CA PHE A 186 2.99 -24.01 -1.08
C PHE A 186 1.53 -23.72 -0.74
N LYS A 187 1.16 -23.66 0.54
CA LYS A 187 -0.24 -23.57 0.92
C LYS A 187 -0.81 -22.16 0.91
N LEU A 188 0.03 -21.12 0.87
CA LEU A 188 -0.44 -19.74 0.86
C LEU A 188 0.26 -19.00 -0.28
N HIS A 189 -0.51 -18.65 -1.29
CA HIS A 189 0.01 -18.08 -2.52
C HIS A 189 -0.35 -16.60 -2.55
N ASP A 190 0.63 -15.74 -2.79
CA ASP A 190 0.40 -14.30 -2.84
C ASP A 190 -0.20 -13.92 -4.20
N PHE A 191 -1.39 -13.31 -4.16
CA PHE A 191 -2.06 -12.78 -5.34
C PHE A 191 -2.22 -11.26 -5.29
N GLY A 192 -1.47 -10.57 -4.45
CA GLY A 192 -1.76 -9.19 -4.13
C GLY A 192 -1.14 -8.09 -4.98
N ALA A 193 -0.46 -8.40 -6.08
CA ALA A 193 0.23 -7.35 -6.83
C ALA A 193 -0.73 -6.29 -7.37
N ARG A 194 -1.95 -6.68 -7.77
CA ARG A 194 -2.91 -5.74 -8.30
C ARG A 194 -3.67 -5.00 -7.19
N GLY A 195 -3.69 -5.54 -5.99
CA GLY A 195 -4.50 -5.04 -4.92
C GLY A 195 -3.75 -4.21 -3.91
N VAL A 196 -2.47 -3.96 -4.14
CA VAL A 196 -1.62 -3.22 -3.23
C VAL A 196 -1.38 -1.83 -3.82
N SER A 197 -0.92 -0.88 -3.00
CA SER A 197 -1.03 0.52 -3.37
C SER A 197 0.09 1.03 -4.27
N SER A 198 1.21 0.31 -4.42
CA SER A 198 2.22 0.72 -5.38
C SER A 198 3.14 -0.45 -5.69
N LEU A 199 4.03 -0.22 -6.65
CA LEU A 199 5.00 -1.22 -7.07
C LEU A 199 6.00 -1.52 -5.96
N GLY A 200 6.46 -0.49 -5.25
CA GLY A 200 7.42 -0.70 -4.18
C GLY A 200 6.81 -1.47 -3.01
N SER A 201 5.53 -1.21 -2.71
CA SER A 201 4.89 -1.99 -1.64
C SER A 201 4.65 -3.43 -2.09
N ALA A 202 4.30 -3.64 -3.37
CA ALA A 202 4.17 -5.00 -3.89
C ALA A 202 5.47 -5.78 -3.71
N ALA A 203 6.60 -5.16 -4.07
CA ALA A 203 7.87 -5.84 -3.93
C ALA A 203 8.19 -6.14 -2.45
N LEU A 204 7.99 -5.16 -1.57
CA LEU A 204 8.41 -5.31 -0.18
C LEU A 204 7.42 -6.18 0.61
N GLY A 205 6.11 -5.97 0.41
CA GLY A 205 5.14 -6.83 1.08
C GLY A 205 5.15 -8.24 0.53
N GLY A 206 5.30 -8.38 -0.79
CA GLY A 206 5.40 -9.71 -1.36
C GLY A 206 6.62 -10.44 -0.84
N ALA A 207 7.74 -9.72 -0.71
CA ALA A 207 8.95 -10.34 -0.17
C ALA A 207 8.72 -10.80 1.26
N ALA A 208 7.92 -10.03 2.01
CA ALA A 208 7.62 -10.38 3.39
C ALA A 208 6.80 -11.66 3.46
N HIS A 209 5.92 -11.88 2.48
CA HIS A 209 5.23 -13.17 2.41
C HIS A 209 6.22 -14.31 2.17
N LEU A 210 7.20 -14.10 1.28
CA LEU A 210 8.18 -15.13 0.94
C LEU A 210 9.06 -15.51 2.12
N VAL A 211 9.03 -14.73 3.21
CA VAL A 211 9.67 -15.17 4.45
C VAL A 211 9.12 -16.54 4.85
N ASN A 212 7.85 -16.81 4.56
CA ASN A 212 7.19 -17.99 5.08
C ASN A 212 6.81 -19.02 4.03
N PHE A 213 6.62 -18.64 2.75
CA PHE A 213 6.13 -19.55 1.72
C PHE A 213 6.96 -19.41 0.46
N LEU A 214 6.78 -20.35 -0.47
CA LEU A 214 7.49 -20.29 -1.74
C LEU A 214 6.60 -19.88 -2.91
N GLY A 215 5.27 -19.98 -2.80
CA GLY A 215 4.40 -19.68 -3.91
C GLY A 215 4.04 -18.22 -3.94
N THR A 216 4.29 -17.56 -5.08
CA THR A 216 3.87 -16.18 -5.26
C THR A 216 3.62 -15.89 -6.75
N ASP A 217 2.62 -15.05 -7.03
CA ASP A 217 2.48 -14.40 -8.34
C ASP A 217 3.02 -12.99 -8.37
N THR A 218 3.60 -12.51 -7.27
CA THR A 218 4.09 -11.13 -7.19
C THR A 218 5.55 -11.13 -7.64
N LEU A 219 5.75 -11.00 -8.96
CA LEU A 219 7.09 -10.99 -9.50
C LEU A 219 7.95 -9.95 -8.81
N SER A 220 7.37 -8.80 -8.46
CA SER A 220 8.15 -7.74 -7.84
C SER A 220 8.87 -8.22 -6.58
N ALA A 221 8.30 -9.20 -5.86
CA ALA A 221 8.95 -9.71 -4.66
C ALA A 221 10.21 -10.48 -5.01
N LEU A 222 10.19 -11.26 -6.09
CA LEU A 222 11.43 -11.87 -6.59
C LEU A 222 12.48 -10.81 -6.88
N LEU A 223 12.08 -9.71 -7.53
CA LEU A 223 13.07 -8.68 -7.84
C LEU A 223 13.70 -8.11 -6.56
N LEU A 224 12.89 -7.83 -5.54
CA LEU A 224 13.42 -7.28 -4.29
C LEU A 224 14.26 -8.31 -3.55
N ALA A 225 13.77 -9.56 -3.44
CA ALA A 225 14.56 -10.58 -2.76
C ALA A 225 15.92 -10.74 -3.44
N ARG A 226 15.94 -10.68 -4.77
CA ARG A 226 17.18 -10.81 -5.51
C ARG A 226 18.10 -9.61 -5.28
N ALA A 227 17.55 -8.41 -5.19
CA ALA A 227 18.37 -7.21 -5.08
C ALA A 227 18.81 -6.88 -3.66
N HIS A 228 18.01 -7.27 -2.67
CA HIS A 228 18.20 -6.87 -1.28
C HIS A 228 18.45 -8.02 -0.32
N TYR A 229 18.08 -9.26 -0.66
CA TYR A 229 18.25 -10.40 0.23
C TYR A 229 19.02 -11.53 -0.43
N HIS A 230 19.84 -11.21 -1.44
CA HIS A 230 20.83 -12.15 -1.99
C HIS A 230 20.21 -13.44 -2.48
N THR A 231 19.02 -13.39 -3.06
CA THR A 231 18.29 -14.62 -3.42
C THR A 231 17.86 -14.55 -4.87
N PRO A 232 18.55 -15.25 -5.79
CA PRO A 232 18.23 -15.14 -7.23
C PRO A 232 16.78 -15.48 -7.58
N VAL A 233 16.18 -16.47 -6.93
CA VAL A 233 14.85 -16.93 -7.33
C VAL A 233 14.09 -17.28 -6.07
N ALA A 234 13.44 -16.30 -5.44
CA ALA A 234 12.98 -16.58 -4.08
C ALA A 234 11.68 -17.35 -4.04
N GLY A 235 10.99 -17.50 -5.15
CA GLY A 235 9.69 -18.15 -5.07
C GLY A 235 9.27 -18.65 -6.43
N TYR A 236 8.14 -19.36 -6.45
CA TYR A 236 7.75 -20.14 -7.61
C TYR A 236 6.26 -19.99 -7.84
N SER A 237 5.84 -20.26 -9.07
CA SER A 237 4.43 -20.19 -9.46
C SER A 237 4.18 -21.13 -10.63
N ILE A 238 2.98 -21.07 -11.19
CA ILE A 238 2.53 -22.03 -12.21
C ILE A 238 1.70 -21.29 -13.26
N PRO A 239 1.59 -21.85 -14.46
CA PRO A 239 0.69 -21.26 -15.45
C PRO A 239 -0.73 -21.42 -14.97
N ALA A 240 -1.56 -20.41 -15.21
CA ALA A 240 -2.89 -20.41 -14.65
C ALA A 240 -3.81 -19.59 -15.55
N ALA A 241 -5.06 -20.04 -15.66
CA ALA A 241 -5.98 -19.40 -16.58
C ALA A 241 -6.55 -18.11 -15.97
N GLU A 242 -6.90 -17.19 -16.86
CA GLU A 242 -7.55 -15.95 -16.49
C GLU A 242 -9.04 -16.06 -16.76
N HIS A 243 -9.83 -15.33 -15.96
CA HIS A 243 -11.25 -15.12 -16.24
C HIS A 243 -11.47 -14.75 -17.71
N SER A 244 -10.76 -13.72 -18.17
CA SER A 244 -10.94 -13.16 -19.51
C SER A 244 -10.71 -14.21 -20.59
N THR A 245 -9.55 -14.90 -20.55
CA THR A 245 -9.23 -15.83 -21.64
C THR A 245 -10.30 -16.91 -21.83
N ILE A 246 -10.79 -17.49 -20.74
CA ILE A 246 -11.79 -18.56 -20.86
C ILE A 246 -13.03 -18.05 -21.59
N THR A 247 -13.71 -17.07 -20.99
CA THR A 247 -14.98 -16.59 -21.54
C THR A 247 -14.87 -16.20 -23.01
N SER A 248 -13.81 -15.47 -23.37
CA SER A 248 -13.61 -15.00 -24.74
C SER A 248 -13.59 -16.11 -25.79
N TRP A 249 -13.47 -17.37 -25.39
CA TRP A 249 -13.66 -18.44 -26.37
C TRP A 249 -15.12 -18.56 -26.78
N GLY A 250 -16.03 -18.01 -25.99
CA GLY A 250 -17.46 -18.24 -26.17
C GLY A 250 -17.94 -19.41 -25.33
N ARG A 251 -19.24 -19.37 -24.98
CA ARG A 251 -19.81 -20.42 -24.15
C ARG A 251 -19.89 -21.74 -24.91
N GLU A 252 -20.01 -21.71 -26.22
CA GLU A 252 -20.12 -22.92 -27.02
C GLU A 252 -18.79 -23.65 -27.18
N ARG A 253 -17.66 -22.99 -26.90
CA ARG A 253 -16.34 -23.62 -26.96
C ARG A 253 -15.62 -23.53 -25.62
N GLU A 254 -16.37 -23.22 -24.55
CA GLU A 254 -15.78 -23.01 -23.22
C GLU A 254 -14.93 -24.20 -22.81
N VAL A 255 -15.39 -25.42 -23.10
CA VAL A 255 -14.63 -26.61 -22.77
C VAL A 255 -13.32 -26.63 -23.55
N ASP A 256 -13.32 -26.12 -24.79
CA ASP A 256 -12.09 -26.08 -25.58
C ASP A 256 -11.04 -25.13 -24.98
N ALA A 257 -11.47 -24.05 -24.33
CA ALA A 257 -10.51 -23.23 -23.59
C ALA A 257 -9.80 -24.06 -22.52
N TYR A 258 -10.57 -24.87 -21.76
CA TYR A 258 -9.93 -25.67 -20.72
C TYR A 258 -8.99 -26.71 -21.31
N ARG A 259 -9.41 -27.36 -22.40
CA ARG A 259 -8.55 -28.35 -23.05
C ARG A 259 -7.26 -27.70 -23.58
N ASN A 260 -7.36 -26.48 -24.10
CA ASN A 260 -6.16 -25.80 -24.53
C ASN A 260 -5.20 -25.54 -23.35
N MET A 261 -5.73 -25.21 -22.16
CA MET A 261 -4.87 -25.16 -20.97
C MET A 261 -4.07 -26.45 -20.80
N LEU A 262 -4.72 -27.60 -21.00
CA LEU A 262 -4.01 -28.88 -20.87
C LEU A 262 -2.99 -29.05 -21.99
N THR A 263 -3.38 -28.75 -23.23
CA THR A 263 -2.43 -28.83 -24.33
C THR A 263 -1.19 -28.00 -24.06
N GLN A 264 -1.35 -26.77 -23.54
CA GLN A 264 -0.18 -25.91 -23.41
C GLN A 264 0.69 -26.27 -22.21
N PHE A 265 0.10 -26.62 -21.07
CA PHE A 265 0.87 -26.65 -19.84
C PHE A 265 0.88 -27.99 -19.10
N ALA A 266 -0.02 -28.92 -19.40
CA ALA A 266 -0.19 -30.13 -18.60
C ALA A 266 0.79 -31.20 -19.08
N ARG A 267 1.86 -31.42 -18.32
CA ARG A 267 2.87 -32.44 -18.50
C ARG A 267 3.03 -33.17 -17.19
N PRO A 268 3.56 -34.41 -17.22
CA PRO A 268 3.77 -35.16 -15.97
C PRO A 268 4.65 -34.37 -15.00
N GLY A 269 4.21 -34.30 -13.76
CA GLY A 269 4.89 -33.49 -12.78
C GLY A 269 4.64 -31.99 -12.88
N ALA A 270 4.01 -31.51 -13.96
CA ALA A 270 3.67 -30.09 -14.03
C ALA A 270 2.38 -29.80 -13.27
N ILE A 271 2.22 -28.54 -12.89
CA ILE A 271 1.06 -28.06 -12.15
C ILE A 271 0.47 -26.90 -12.92
N VAL A 272 -0.84 -26.96 -13.17
CA VAL A 272 -1.51 -25.89 -13.91
C VAL A 272 -2.84 -25.60 -13.24
N ALA A 273 -3.15 -24.32 -13.07
CA ALA A 273 -4.40 -23.92 -12.44
C ALA A 273 -5.36 -23.41 -13.51
N VAL A 274 -6.65 -23.71 -13.30
CA VAL A 274 -7.75 -23.20 -14.12
C VAL A 274 -8.79 -22.63 -13.19
N VAL A 275 -9.38 -21.52 -13.59
CA VAL A 275 -10.44 -20.87 -12.83
C VAL A 275 -11.78 -21.24 -13.44
N SER A 276 -12.78 -21.34 -12.59
CA SER A 276 -14.14 -21.59 -13.06
C SER A 276 -15.08 -21.21 -11.92
N ASP A 277 -16.26 -20.73 -12.28
CA ASP A 277 -17.19 -20.48 -11.21
C ASP A 277 -17.79 -21.80 -10.72
N SER A 278 -18.35 -21.77 -9.52
CA SER A 278 -18.68 -23.01 -8.84
C SER A 278 -19.75 -23.80 -9.60
N TYR A 279 -20.68 -23.11 -10.25
CA TYR A 279 -21.76 -23.80 -10.92
C TYR A 279 -21.26 -24.57 -12.15
N ASP A 280 -20.29 -24.00 -12.88
CA ASP A 280 -19.73 -24.73 -14.00
C ASP A 280 -18.97 -25.96 -13.55
N ILE A 281 -18.34 -25.89 -12.37
CA ILE A 281 -17.65 -27.06 -11.85
C ILE A 281 -18.66 -28.17 -11.57
N TYR A 282 -19.77 -27.82 -10.92
CA TYR A 282 -20.84 -28.78 -10.68
C TYR A 282 -21.41 -29.35 -11.99
N ARG A 283 -21.67 -28.47 -12.96
CA ARG A 283 -22.17 -28.90 -14.26
C ARG A 283 -21.19 -29.85 -14.94
N ALA A 284 -19.90 -29.52 -14.90
CA ALA A 284 -18.91 -30.33 -15.60
C ALA A 284 -18.86 -31.74 -15.04
N ILE A 285 -19.04 -31.89 -13.72
CA ILE A 285 -18.98 -33.21 -13.11
C ILE A 285 -20.30 -33.96 -13.28
N ARG A 286 -21.43 -33.25 -13.29
CA ARG A 286 -22.73 -33.87 -13.51
C ARG A 286 -22.95 -34.20 -14.99
N GLU A 287 -23.13 -33.17 -15.82
CA GLU A 287 -23.36 -33.36 -17.25
C GLU A 287 -22.11 -33.90 -17.94
N HIS A 288 -22.29 -34.89 -18.80
CA HIS A 288 -21.17 -35.68 -19.30
C HIS A 288 -20.50 -35.09 -20.53
N TRP A 289 -20.43 -33.76 -20.63
CA TRP A 289 -19.51 -33.16 -21.59
C TRP A 289 -18.11 -33.01 -21.00
N GLY A 290 -17.98 -32.97 -19.68
CA GLY A 290 -16.67 -32.96 -19.06
C GLY A 290 -15.95 -34.29 -19.09
N THR A 291 -16.57 -35.32 -19.70
CA THR A 291 -16.02 -36.67 -19.65
C THR A 291 -14.69 -36.76 -20.38
N THR A 292 -14.55 -36.04 -21.49
CA THR A 292 -13.31 -36.04 -22.23
C THR A 292 -12.25 -35.17 -21.54
N LEU A 293 -12.69 -34.15 -20.80
CA LEU A 293 -11.78 -33.37 -19.98
C LEU A 293 -11.15 -34.21 -18.87
N ARG A 294 -11.92 -35.11 -18.26
CA ARG A 294 -11.36 -35.97 -17.22
C ARG A 294 -10.25 -36.86 -17.78
N GLU A 295 -10.49 -37.51 -18.92
CA GLU A 295 -9.47 -38.39 -19.49
C GLU A 295 -8.20 -37.62 -19.85
N GLU A 296 -8.36 -36.46 -20.50
CA GLU A 296 -7.18 -35.66 -20.84
C GLU A 296 -6.42 -35.22 -19.59
N ILE A 297 -7.16 -34.89 -18.53
CA ILE A 297 -6.52 -34.58 -17.25
C ILE A 297 -5.73 -35.78 -16.75
N ILE A 298 -6.39 -36.95 -16.72
CA ILE A 298 -5.76 -38.15 -16.16
C ILE A 298 -4.55 -38.56 -17.00
N ALA A 299 -4.70 -38.58 -18.32
CA ALA A 299 -3.60 -38.97 -19.19
C ALA A 299 -2.41 -38.01 -19.11
N SER A 300 -2.63 -36.76 -18.69
CA SER A 300 -1.57 -35.77 -18.73
C SER A 300 -0.48 -36.03 -17.69
N GLY A 301 -0.81 -36.71 -16.59
CA GLY A 301 0.12 -36.83 -15.48
C GLY A 301 0.34 -35.54 -14.71
N ALA A 302 -0.32 -34.45 -15.11
CA ALA A 302 -0.16 -33.18 -14.42
C ALA A 302 -1.09 -33.13 -13.22
N THR A 303 -0.79 -32.20 -12.31
CA THR A 303 -1.70 -31.86 -11.23
C THR A 303 -2.49 -30.63 -11.67
N VAL A 304 -3.80 -30.82 -11.86
CA VAL A 304 -4.65 -29.71 -12.25
C VAL A 304 -5.24 -29.11 -10.97
N VAL A 305 -4.98 -27.82 -10.75
CA VAL A 305 -5.49 -27.10 -9.58
C VAL A 305 -6.75 -26.35 -10.01
N ILE A 306 -7.87 -26.62 -9.37
CA ILE A 306 -9.12 -25.93 -9.67
C ILE A 306 -9.30 -24.77 -8.69
N ARG A 307 -9.60 -23.61 -9.21
CA ARG A 307 -9.88 -22.43 -8.40
C ARG A 307 -11.32 -22.00 -8.60
N PRO A 308 -12.21 -22.25 -7.64
CA PRO A 308 -13.59 -21.76 -7.75
C PRO A 308 -13.62 -20.27 -7.46
N ASP A 309 -14.33 -19.50 -8.29
CA ASP A 309 -14.35 -18.06 -8.06
C ASP A 309 -15.77 -17.50 -7.95
N SER A 310 -16.69 -18.29 -7.39
CA SER A 310 -18.01 -17.80 -7.03
C SER A 310 -18.53 -18.63 -5.87
N GLY A 311 -19.50 -18.10 -5.16
CA GLY A 311 -20.08 -18.83 -4.05
C GLY A 311 -19.36 -18.56 -2.75
N ASP A 312 -19.88 -19.17 -1.70
CA ASP A 312 -19.32 -18.90 -0.38
C ASP A 312 -17.90 -19.44 -0.29
N PRO A 313 -16.93 -18.61 0.14
CA PRO A 313 -15.53 -19.06 0.15
C PRO A 313 -15.30 -20.36 0.89
N VAL A 314 -15.94 -20.54 2.04
CA VAL A 314 -15.78 -21.79 2.79
C VAL A 314 -16.53 -22.93 2.11
N ASP A 315 -17.86 -22.79 1.93
CA ASP A 315 -18.68 -23.92 1.49
C ASP A 315 -18.18 -24.51 0.19
N VAL A 316 -17.70 -23.66 -0.71
CA VAL A 316 -17.42 -24.12 -2.05
C VAL A 316 -16.20 -25.04 -2.06
N VAL A 317 -15.26 -24.84 -1.13
CA VAL A 317 -14.10 -25.72 -1.06
C VAL A 317 -14.55 -27.15 -0.76
N GLU A 318 -15.32 -27.30 0.32
CA GLU A 318 -15.84 -28.61 0.69
C GLU A 318 -16.60 -29.24 -0.47
N GLN A 319 -17.44 -28.45 -1.14
CA GLN A 319 -18.21 -28.96 -2.26
C GLN A 319 -17.30 -29.42 -3.40
N CYS A 320 -16.30 -28.60 -3.76
CA CYS A 320 -15.37 -29.03 -4.81
C CYS A 320 -14.67 -30.30 -4.44
N LEU A 321 -14.24 -30.42 -3.18
CA LEU A 321 -13.60 -31.65 -2.76
C LEU A 321 -14.52 -32.84 -2.97
N LEU A 322 -15.77 -32.74 -2.48
CA LEU A 322 -16.70 -33.87 -2.62
C LEU A 322 -16.97 -34.17 -4.09
N LEU A 323 -17.18 -33.14 -4.90
CA LEU A 323 -17.49 -33.38 -6.30
C LEU A 323 -16.28 -33.95 -7.04
N LEU A 324 -15.09 -33.37 -6.83
CA LEU A 324 -13.88 -33.89 -7.46
C LEU A 324 -13.57 -35.30 -6.97
N ASP A 325 -13.90 -35.63 -5.71
CA ASP A 325 -13.72 -36.98 -5.22
C ASP A 325 -14.54 -37.98 -6.04
N GLU A 326 -15.77 -37.60 -6.39
CA GLU A 326 -16.57 -38.53 -7.17
C GLU A 326 -16.15 -38.53 -8.65
N ALA A 327 -15.55 -37.45 -9.12
CA ALA A 327 -15.03 -37.43 -10.49
C ALA A 327 -13.71 -38.20 -10.60
N PHE A 328 -12.79 -38.01 -9.65
CA PHE A 328 -11.44 -38.54 -9.82
C PHE A 328 -11.00 -39.55 -8.78
N GLY A 329 -11.80 -39.83 -7.75
CA GLY A 329 -11.35 -40.76 -6.73
C GLY A 329 -10.35 -40.14 -5.75
N HIS A 330 -9.90 -40.96 -4.81
CA HIS A 330 -8.99 -40.51 -3.78
C HIS A 330 -8.20 -41.70 -3.27
N GLN A 331 -7.12 -41.39 -2.55
CA GLN A 331 -6.39 -42.36 -1.75
C GLN A 331 -6.59 -41.99 -0.28
N VAL A 332 -6.48 -42.99 0.60
CA VAL A 332 -6.49 -42.73 2.03
C VAL A 332 -5.04 -42.73 2.50
N ASN A 333 -4.60 -41.65 3.16
CA ASN A 333 -3.19 -41.55 3.50
C ASN A 333 -2.92 -42.24 4.85
N GLY A 334 -1.69 -42.09 5.35
CA GLY A 334 -1.31 -42.77 6.59
C GLY A 334 -2.03 -42.26 7.82
N LYS A 335 -2.51 -41.03 7.80
CA LYS A 335 -3.27 -40.47 8.91
C LYS A 335 -4.75 -40.82 8.83
N GLY A 336 -5.16 -41.54 7.79
CA GLY A 336 -6.56 -41.84 7.59
C GLY A 336 -7.36 -40.75 6.90
N TYR A 337 -6.71 -39.87 6.13
CA TYR A 337 -7.41 -38.79 5.44
C TYR A 337 -7.38 -39.00 3.92
N LYS A 338 -8.40 -38.49 3.25
CA LYS A 338 -8.47 -38.66 1.80
C LYS A 338 -7.59 -37.64 1.08
N VAL A 339 -6.85 -38.12 0.08
CA VAL A 339 -6.08 -37.28 -0.84
C VAL A 339 -6.61 -37.52 -2.25
N LEU A 340 -7.11 -36.46 -2.89
CA LEU A 340 -7.70 -36.63 -4.23
C LEU A 340 -6.65 -37.05 -5.23
N ASN A 341 -7.08 -37.82 -6.25
CA ASN A 341 -6.19 -38.16 -7.36
C ASN A 341 -6.19 -37.05 -8.40
N HIS A 342 -4.98 -36.57 -8.75
CA HIS A 342 -4.71 -35.72 -9.92
C HIS A 342 -5.15 -34.27 -9.78
N VAL A 343 -6.07 -33.96 -8.85
CA VAL A 343 -6.62 -32.60 -8.79
C VAL A 343 -6.52 -32.04 -7.39
N ARG A 344 -6.46 -30.72 -7.32
CA ARG A 344 -6.35 -29.97 -6.08
C ARG A 344 -7.27 -28.78 -6.21
N VAL A 345 -7.52 -28.09 -5.10
CA VAL A 345 -8.37 -26.90 -5.08
C VAL A 345 -7.60 -25.76 -4.44
N ILE A 346 -7.64 -24.58 -5.05
CA ILE A 346 -7.14 -23.37 -4.40
C ILE A 346 -8.28 -22.38 -4.27
N GLN A 347 -8.54 -21.92 -3.05
CA GLN A 347 -9.51 -20.85 -2.82
C GLN A 347 -8.77 -19.52 -2.81
N GLY A 348 -8.99 -18.70 -3.84
CA GLY A 348 -8.40 -17.38 -3.91
C GLY A 348 -9.26 -16.21 -3.46
N ASP A 349 -10.48 -16.46 -3.01
CA ASP A 349 -11.41 -15.40 -2.69
C ASP A 349 -11.81 -15.45 -1.23
N GLY A 350 -11.91 -14.28 -0.60
CA GLY A 350 -12.41 -14.23 0.76
C GLY A 350 -11.52 -14.87 1.79
N ILE A 351 -10.23 -15.05 1.50
CA ILE A 351 -9.34 -15.73 2.42
C ILE A 351 -8.76 -14.73 3.43
N ASN A 352 -8.91 -15.06 4.70
CA ASN A 352 -8.23 -14.38 5.78
C ASN A 352 -7.99 -15.44 6.85
N PRO A 353 -7.22 -15.12 7.90
CA PRO A 353 -6.90 -16.17 8.88
C PRO A 353 -8.11 -16.86 9.50
N GLN A 354 -9.28 -16.21 9.50
CA GLN A 354 -10.48 -16.82 10.06
C GLN A 354 -11.19 -17.72 9.04
N SER A 355 -11.33 -17.28 7.79
CA SER A 355 -12.00 -18.13 6.82
C SER A 355 -11.10 -19.30 6.40
N LEU A 356 -9.79 -19.03 6.30
CA LEU A 356 -8.81 -20.09 6.11
C LEU A 356 -8.96 -21.18 7.17
N ARG A 357 -9.00 -20.78 8.44
CA ARG A 357 -9.20 -21.76 9.50
C ARG A 357 -10.55 -22.47 9.35
N ALA A 358 -11.59 -21.73 8.96
CA ALA A 358 -12.92 -22.32 8.78
C ALA A 358 -12.89 -23.40 7.70
N ILE A 359 -12.24 -23.12 6.57
CA ILE A 359 -12.14 -24.10 5.50
C ILE A 359 -11.43 -25.35 5.99
N LEU A 360 -10.25 -25.17 6.62
CA LEU A 360 -9.48 -26.31 7.09
C LEU A 360 -10.27 -27.12 8.11
N GLU A 361 -11.01 -26.44 8.99
CA GLU A 361 -11.84 -27.18 9.93
C GLU A 361 -12.90 -27.98 9.19
N ARG A 362 -13.54 -27.35 8.20
CA ARG A 362 -14.63 -28.00 7.48
C ARG A 362 -14.15 -29.21 6.70
N ILE A 363 -13.05 -29.07 5.96
CA ILE A 363 -12.65 -30.13 5.05
C ILE A 363 -12.04 -31.31 5.80
N THR A 364 -11.26 -31.04 6.87
CA THR A 364 -10.67 -32.17 7.58
C THR A 364 -11.74 -32.91 8.39
N ALA A 365 -12.78 -32.19 8.84
CA ALA A 365 -13.91 -32.88 9.48
C ALA A 365 -14.65 -33.77 8.47
N ALA A 366 -14.75 -33.32 7.22
CA ALA A 366 -15.29 -34.15 6.15
C ALA A 366 -14.36 -35.29 5.76
N GLY A 367 -13.17 -35.40 6.34
CA GLY A 367 -12.27 -36.50 6.07
C GLY A 367 -11.24 -36.23 4.99
N TYR A 368 -11.13 -34.99 4.49
CA TYR A 368 -10.17 -34.67 3.44
C TYR A 368 -8.88 -34.11 4.04
N ALA A 369 -7.75 -34.55 3.51
CA ALA A 369 -6.46 -34.09 4.02
C ALA A 369 -6.21 -32.63 3.64
N ALA A 370 -5.52 -31.93 4.54
CA ALA A 370 -5.18 -30.56 4.18
C ALA A 370 -4.30 -30.50 2.95
N ASP A 371 -3.75 -31.64 2.48
CA ASP A 371 -2.96 -31.64 1.24
C ASP A 371 -3.78 -31.16 0.05
N ASN A 372 -5.11 -31.36 0.10
CA ASN A 372 -5.94 -31.16 -1.08
C ASN A 372 -6.10 -29.69 -1.44
N VAL A 373 -5.96 -28.79 -0.48
CA VAL A 373 -6.33 -27.40 -0.70
C VAL A 373 -5.12 -26.51 -0.50
N ALA A 374 -5.15 -25.38 -1.20
CA ALA A 374 -4.23 -24.27 -1.09
C ALA A 374 -5.06 -23.00 -0.94
N PHE A 375 -4.39 -21.89 -0.65
CA PHE A 375 -5.09 -20.66 -0.34
C PHE A 375 -4.38 -19.50 -1.01
N GLY A 376 -5.18 -18.64 -1.64
CA GLY A 376 -4.70 -17.41 -2.24
C GLY A 376 -5.18 -16.25 -1.40
N MET A 377 -4.28 -15.32 -1.13
CA MET A 377 -4.58 -14.06 -0.48
C MET A 377 -3.93 -12.98 -1.32
N GLY A 378 -4.68 -11.90 -1.61
CA GLY A 378 -4.16 -10.77 -2.34
C GLY A 378 -4.16 -9.51 -1.49
N GLY A 379 -5.21 -8.67 -1.65
CA GLY A 379 -5.27 -7.44 -0.90
C GLY A 379 -5.27 -7.64 0.61
N ALA A 380 -5.94 -8.70 1.08
CA ALA A 380 -5.96 -9.05 2.50
C ALA A 380 -4.56 -9.30 3.06
N LEU A 381 -3.60 -9.66 2.20
CA LEU A 381 -2.22 -9.89 2.63
C LEU A 381 -1.36 -8.64 2.51
N LEU A 382 -1.46 -7.93 1.39
CA LEU A 382 -0.50 -6.87 1.12
C LEU A 382 -1.04 -5.47 1.41
N GLN A 383 -2.36 -5.29 1.44
CA GLN A 383 -2.97 -3.97 1.55
C GLN A 383 -3.76 -3.76 2.84
N LYS A 384 -4.48 -4.77 3.31
CA LYS A 384 -5.41 -4.58 4.43
C LYS A 384 -4.69 -4.68 5.76
N VAL A 385 -3.59 -3.95 5.87
CA VAL A 385 -2.76 -3.86 7.07
C VAL A 385 -2.43 -2.39 7.19
N ASP A 386 -2.18 -1.95 8.42
CA ASP A 386 -1.84 -0.57 8.65
C ASP A 386 -0.92 -0.54 9.86
N ARG A 387 -0.41 0.65 10.17
CA ARG A 387 0.48 0.80 11.31
C ARG A 387 -0.18 0.46 12.64
N ASP A 388 -1.51 0.40 12.71
CA ASP A 388 -2.19 0.03 13.95
C ASP A 388 -2.42 -1.47 14.10
N THR A 389 -2.34 -2.25 13.01
CA THR A 389 -2.47 -3.70 13.13
C THR A 389 -1.60 -4.23 14.27
N GLN A 390 -0.35 -3.74 14.36
CA GLN A 390 0.53 -4.14 15.44
C GLN A 390 1.00 -2.93 16.23
N LYS A 391 0.24 -1.84 16.19
CA LYS A 391 0.48 -0.64 17.00
C LYS A 391 1.96 -0.25 16.98
N PHE A 392 2.51 -0.13 15.78
CA PHE A 392 3.94 0.09 15.64
C PHE A 392 4.31 1.49 16.09
N ALA A 393 5.46 1.58 16.76
CA ALA A 393 5.88 2.86 17.32
C ALA A 393 7.40 2.94 17.23
N LEU A 394 7.88 4.16 17.14
CA LEU A 394 9.30 4.45 17.14
C LEU A 394 9.44 5.63 18.08
N LYS A 395 10.04 5.40 19.25
CA LYS A 395 10.01 6.34 20.35
C LYS A 395 11.42 6.74 20.77
N CYS A 396 11.60 8.01 21.12
CA CYS A 396 12.80 8.42 21.81
C CYS A 396 12.83 7.83 23.21
N SER A 397 13.94 7.18 23.57
CA SER A 397 14.08 6.67 24.93
C SER A 397 15.16 7.36 25.74
N ALA A 398 16.10 8.05 25.12
CA ALA A 398 17.15 8.72 25.89
C ALA A 398 17.81 9.81 25.04
N VAL A 399 18.29 10.85 25.73
CA VAL A 399 19.10 11.92 25.14
C VAL A 399 20.26 12.17 26.08
N ARG A 400 21.39 12.61 25.53
CA ARG A 400 22.52 13.02 26.33
C ARG A 400 22.57 14.56 26.36
N VAL A 401 22.48 15.14 27.56
CA VAL A 401 22.46 16.59 27.72
C VAL A 401 23.47 16.98 28.80
N ASP A 402 24.30 17.99 28.50
CA ASP A 402 25.37 18.41 29.41
C ASP A 402 26.24 17.22 29.81
N GLY A 403 26.47 16.31 28.88
CA GLY A 403 27.28 15.15 29.15
C GLY A 403 26.62 14.06 29.96
N ALA A 404 25.35 14.18 30.30
CA ALA A 404 24.64 13.16 31.05
C ALA A 404 23.47 12.61 30.26
N TRP A 405 23.32 11.28 30.28
CA TRP A 405 22.17 10.64 29.68
C TRP A 405 20.96 10.79 30.60
N ILE A 406 19.83 11.20 30.04
CA ILE A 406 18.60 11.26 30.81
C ILE A 406 17.56 10.40 30.11
N ASP A 407 16.77 9.69 30.91
CA ASP A 407 15.70 8.86 30.39
C ASP A 407 14.61 9.73 29.79
N VAL A 408 14.03 9.25 28.68
CA VAL A 408 12.93 9.89 28.00
C VAL A 408 11.79 8.88 27.87
N TYR A 409 10.58 9.33 28.18
CA TYR A 409 9.38 8.51 28.20
C TYR A 409 8.21 9.43 28.46
N LYS A 410 7.00 8.87 28.40
CA LYS A 410 5.85 9.64 28.88
C LYS A 410 5.31 9.05 30.18
N ASP A 411 4.60 7.92 30.11
CA ASP A 411 4.09 7.30 31.33
C ASP A 411 5.21 6.56 32.06
N PRO A 412 5.24 6.61 33.39
CA PRO A 412 6.12 5.72 34.16
C PRO A 412 5.62 4.29 34.25
N ILE A 413 4.55 3.93 33.53
CA ILE A 413 3.97 2.60 33.54
C ILE A 413 3.45 2.27 32.14
N THR A 414 3.19 0.99 31.91
CA THR A 414 2.68 0.53 30.62
C THR A 414 1.26 -0.05 30.69
N GLN A 419 7.92 1.27 35.13
CA GLN A 419 8.20 0.06 34.36
C GLN A 419 8.37 0.35 32.87
N SER A 420 7.95 1.55 32.44
CA SER A 420 7.93 1.85 31.01
C SER A 420 9.33 1.95 30.43
N LYS A 421 9.46 1.59 29.16
CA LYS A 421 10.76 1.52 28.50
C LYS A 421 11.38 2.91 28.39
N ARG A 422 12.63 3.02 28.84
CA ARG A 422 13.37 4.28 28.88
C ARG A 422 14.86 3.93 28.87
N GLY A 423 15.70 4.95 28.61
CA GLY A 423 17.13 4.74 28.60
C GLY A 423 17.63 4.01 27.36
N ARG A 424 18.91 3.65 27.41
CA ARG A 424 19.58 2.99 26.29
C ARG A 424 19.30 1.48 26.37
N LEU A 425 18.55 0.97 25.40
CA LEU A 425 17.85 -0.29 25.52
C LEU A 425 18.41 -1.33 24.55
N THR A 426 18.18 -2.59 24.88
CA THR A 426 18.42 -3.68 23.95
C THR A 426 17.40 -4.79 24.18
N LEU A 427 17.57 -5.88 23.44
CA LEU A 427 16.76 -7.06 23.56
C LEU A 427 17.63 -8.24 23.99
N LEU A 428 17.13 -9.04 24.91
CA LEU A 428 17.84 -10.23 25.41
C LEU A 428 17.05 -11.47 25.04
N ARG A 429 17.78 -12.55 24.79
CA ARG A 429 17.19 -13.86 24.53
C ARG A 429 17.73 -14.84 25.56
N ASP A 430 16.83 -15.45 26.32
CA ASP A 430 17.25 -16.36 27.37
C ASP A 430 17.81 -17.63 26.73
N ARG A 431 19.03 -18.02 27.14
CA ARG A 431 19.71 -19.10 26.44
C ARG A 431 18.97 -20.43 26.54
N ALA A 432 18.47 -20.79 27.74
CA ALA A 432 17.80 -22.09 27.90
C ALA A 432 16.43 -22.12 27.25
N THR A 433 15.62 -21.07 27.40
CA THR A 433 14.26 -21.11 26.89
C THR A 433 14.11 -20.47 25.53
N GLY A 434 15.01 -19.56 25.15
CA GLY A 434 14.82 -18.77 23.96
C GLY A 434 13.83 -17.63 24.08
N GLN A 435 13.25 -17.42 25.27
CA GLN A 435 12.33 -16.30 25.46
C GLN A 435 13.05 -14.96 25.37
N TYR A 436 12.34 -13.99 24.83
CA TYR A 436 12.83 -12.63 24.65
C TYR A 436 12.39 -11.72 25.80
N ARG A 437 13.22 -10.71 26.08
CA ARG A 437 12.84 -9.64 27.00
C ARG A 437 13.69 -8.42 26.72
N SER A 438 13.11 -7.25 26.94
CA SER A 438 13.81 -5.99 26.75
C SER A 438 14.53 -5.65 28.05
N ALA A 439 15.66 -4.95 27.92
CA ALA A 439 16.45 -4.60 29.09
C ALA A 439 17.28 -3.38 28.76
N LEU A 440 17.75 -2.71 29.81
CA LEU A 440 18.76 -1.68 29.65
C LEU A 440 20.06 -2.30 29.18
N LEU A 441 20.82 -1.54 28.40
CA LEU A 441 22.15 -2.02 28.05
C LEU A 441 23.00 -2.30 29.30
N ASP A 442 22.57 -1.80 30.48
CA ASP A 442 23.23 -2.06 31.76
C ASP A 442 23.16 -3.51 32.20
N GLU A 443 22.21 -4.28 31.68
CA GLU A 443 21.97 -5.64 32.14
C GLU A 443 22.45 -6.71 31.16
N VAL A 444 23.21 -6.34 30.12
CA VAL A 444 23.70 -7.37 29.20
C VAL A 444 24.93 -8.07 29.77
N ALA A 445 25.70 -7.40 30.62
CA ALA A 445 26.50 -8.11 31.62
C ALA A 445 25.52 -8.74 32.59
N THR A 446 25.85 -8.80 33.88
CA THR A 446 24.86 -9.24 34.86
C THR A 446 24.24 -10.59 34.48
N HIS A 447 23.31 -10.54 33.53
CA HIS A 447 22.57 -11.69 33.02
C HIS A 447 23.28 -12.41 31.89
N ALA A 448 24.56 -12.13 31.65
CA ALA A 448 25.35 -13.03 30.85
C ALA A 448 25.46 -14.36 31.59
N GLY A 449 25.31 -15.45 30.86
CA GLY A 449 25.25 -16.74 31.52
C GLY A 449 23.87 -17.32 31.37
N ASP A 450 22.84 -16.47 31.55
CA ASP A 450 21.48 -16.92 31.29
C ASP A 450 20.91 -16.36 29.99
N SER A 451 21.43 -15.22 29.50
CA SER A 451 20.87 -14.55 28.32
C SER A 451 21.99 -14.05 27.43
N ASP A 452 21.67 -13.88 26.15
CA ASP A 452 22.53 -13.18 25.22
C ASP A 452 21.78 -11.98 24.62
N ASP A 453 22.55 -10.95 24.28
CA ASP A 453 21.99 -9.80 23.62
C ASP A 453 21.47 -10.24 22.25
N ALA A 454 20.18 -10.07 22.03
CA ALA A 454 19.52 -10.60 20.84
C ALA A 454 19.58 -9.64 19.66
N LEU A 455 20.02 -8.42 19.85
CA LEU A 455 20.14 -7.52 18.70
C LEU A 455 21.54 -7.63 18.11
N VAL A 456 21.67 -7.14 16.87
CA VAL A 456 22.98 -7.04 16.24
C VAL A 456 23.06 -5.70 15.53
N THR A 457 24.29 -5.20 15.38
CA THR A 457 24.51 -3.97 14.64
C THR A 457 24.40 -4.25 13.14
N VAL A 458 23.32 -3.76 12.52
CA VAL A 458 23.13 -3.96 11.09
C VAL A 458 23.62 -2.80 10.23
N TRP A 459 23.85 -1.63 10.81
CA TRP A 459 24.13 -0.43 10.03
C TRP A 459 24.82 0.58 10.93
N GLU A 460 25.92 1.15 10.47
CA GLU A 460 26.60 2.18 11.25
C GLU A 460 27.34 3.13 10.31
N ASN A 461 27.10 4.44 10.49
CA ASN A 461 27.87 5.51 9.83
C ASN A 461 28.03 5.28 8.33
N GLY A 462 26.92 5.00 7.66
CA GLY A 462 26.95 4.84 6.22
C GLY A 462 27.29 3.46 5.70
N GLN A 463 27.41 2.46 6.59
CA GLN A 463 27.88 1.14 6.21
C GLN A 463 26.93 0.10 6.80
N MET A 464 26.40 -0.76 5.93
CA MET A 464 25.61 -1.88 6.39
C MET A 464 26.55 -2.96 6.88
N LEU A 465 26.34 -3.41 8.11
CA LEU A 465 27.27 -4.37 8.69
C LEU A 465 26.69 -5.78 8.54
N ARG A 466 25.76 -6.18 9.40
CA ARG A 466 25.23 -7.53 9.33
C ARG A 466 24.09 -7.59 8.34
N GLU A 467 24.19 -8.53 7.40
CA GLU A 467 23.31 -8.68 6.25
C GLU A 467 22.83 -10.11 6.15
N TRP A 468 21.56 -10.30 5.83
CA TRP A 468 20.97 -11.61 5.75
C TRP A 468 20.63 -11.96 4.31
N THR A 469 20.73 -13.25 4.00
CA THR A 469 20.01 -13.78 2.84
C THR A 469 18.59 -14.11 3.26
N LEU A 470 17.71 -14.24 2.26
CA LEU A 470 16.34 -14.63 2.58
C LEU A 470 16.30 -16.01 3.21
N GLU A 471 17.20 -16.92 2.81
CA GLU A 471 17.22 -18.24 3.43
C GLU A 471 17.52 -18.13 4.92
N GLN A 472 18.44 -17.25 5.31
CA GLN A 472 18.67 -17.04 6.75
C GLN A 472 17.43 -16.48 7.41
N VAL A 473 16.76 -15.53 6.76
CA VAL A 473 15.50 -15.00 7.30
C VAL A 473 14.49 -16.13 7.45
N ARG A 474 14.32 -16.94 6.39
CA ARG A 474 13.36 -18.03 6.41
C ARG A 474 13.64 -19.00 7.54
N ALA A 475 14.92 -19.23 7.86
CA ALA A 475 15.21 -20.24 8.88
C ALA A 475 14.78 -19.76 10.26
N HIS A 476 15.04 -18.48 10.58
CA HIS A 476 14.53 -17.91 11.82
C HIS A 476 13.00 -18.05 11.90
N ALA A 477 12.30 -17.64 10.84
CA ALA A 477 10.84 -17.64 10.90
C ALA A 477 10.29 -19.07 10.95
N ASP A 478 10.88 -20.01 10.20
CA ASP A 478 10.35 -21.38 10.19
C ASP A 478 10.56 -22.07 11.53
N ALA A 479 11.64 -21.75 12.23
CA ALA A 479 11.90 -22.41 13.50
C ALA A 479 10.96 -21.91 14.59
N ALA A 480 10.39 -20.71 14.42
CA ALA A 480 9.54 -20.12 15.44
C ALA A 480 8.16 -20.78 15.42
N ARG A 481 7.60 -21.00 16.61
CA ARG A 481 6.29 -21.62 16.73
C ARG A 481 5.46 -20.81 17.72
N LEU A 482 4.17 -21.11 17.76
CA LEU A 482 3.24 -20.36 18.61
C LEU A 482 3.31 -20.85 20.05
N MET B 15 13.23 2.20 -7.60
CA MET B 15 14.68 2.01 -7.67
C MET B 15 15.00 1.05 -8.86
N HIS B 16 16.29 0.96 -9.20
CA HIS B 16 16.78 0.29 -10.41
C HIS B 16 16.39 -1.19 -10.48
N TYR B 17 16.36 -1.87 -9.33
CA TYR B 17 16.04 -3.29 -9.37
C TYR B 17 14.62 -3.58 -9.85
N LEU B 18 13.73 -2.57 -9.91
CA LEU B 18 12.37 -2.75 -10.37
C LEU B 18 12.16 -2.21 -11.78
N ASP B 19 13.24 -1.87 -12.48
CA ASP B 19 13.19 -1.26 -13.82
C ASP B 19 13.26 -2.35 -14.89
N ASN B 20 12.12 -3.05 -15.04
CA ASN B 20 11.90 -3.99 -16.14
C ASN B 20 10.39 -4.19 -16.14
N LEU B 21 9.73 -3.60 -17.13
CA LEU B 21 8.28 -3.66 -17.23
C LEU B 21 7.79 -5.10 -17.43
N LEU B 22 8.61 -5.94 -18.07
CA LEU B 22 8.20 -7.32 -18.33
C LEU B 22 7.95 -8.08 -17.04
N LEU B 23 8.53 -7.64 -15.94
CA LEU B 23 8.34 -8.31 -14.66
C LEU B 23 7.44 -7.52 -13.73
N ASN B 24 6.75 -6.49 -14.23
CA ASN B 24 5.80 -5.72 -13.44
C ASN B 24 4.37 -6.20 -13.72
N THR B 25 4.10 -7.40 -13.22
CA THR B 25 2.85 -8.08 -13.51
C THR B 25 2.73 -9.32 -12.62
N ASP B 26 1.58 -9.97 -12.70
CA ASP B 26 1.36 -11.23 -12.01
C ASP B 26 2.02 -12.35 -12.77
N SER B 27 2.67 -13.28 -12.04
CA SER B 27 3.38 -14.39 -12.71
C SER B 27 2.52 -15.05 -13.79
N TYR B 28 1.25 -15.34 -13.51
CA TYR B 28 0.50 -16.09 -14.49
C TYR B 28 0.26 -15.33 -15.79
N LYS B 29 0.35 -13.99 -15.78
CA LYS B 29 0.20 -13.23 -17.03
C LYS B 29 1.31 -13.54 -18.02
N ALA B 30 2.47 -13.98 -17.53
CA ALA B 30 3.48 -14.51 -18.45
C ALA B 30 2.93 -15.65 -19.31
N SER B 31 1.95 -16.40 -18.81
CA SER B 31 1.46 -17.62 -19.46
C SER B 31 0.21 -17.36 -20.28
N HIS B 32 -0.18 -16.11 -20.41
CA HIS B 32 -1.54 -15.78 -20.76
C HIS B 32 -1.77 -15.77 -22.28
N TRP B 33 -0.81 -15.31 -23.07
CA TRP B 33 -1.04 -15.17 -24.50
C TRP B 33 -1.37 -16.49 -25.18
N LEU B 34 -0.99 -17.62 -24.57
CA LEU B 34 -1.30 -18.93 -25.11
C LEU B 34 -2.75 -19.37 -24.86
N GLN B 35 -3.51 -18.61 -24.11
CA GLN B 35 -4.85 -19.00 -23.69
C GLN B 35 -5.97 -18.36 -24.51
N TYR B 36 -5.65 -17.50 -25.45
CA TYR B 36 -6.68 -16.94 -26.30
C TYR B 36 -7.07 -17.94 -27.39
N PRO B 37 -8.30 -17.84 -27.91
CA PRO B 37 -8.71 -18.72 -29.01
C PRO B 37 -7.88 -18.44 -30.26
N PRO B 38 -7.76 -19.41 -31.17
CA PRO B 38 -7.05 -19.16 -32.43
C PRO B 38 -7.67 -18.00 -33.21
N GLY B 39 -6.82 -17.28 -33.93
CA GLY B 39 -7.27 -16.15 -34.70
C GLY B 39 -7.60 -14.91 -33.90
N THR B 40 -7.25 -14.85 -32.63
CA THR B 40 -7.43 -13.61 -31.87
C THR B 40 -6.40 -12.59 -32.32
N ASP B 41 -6.86 -11.37 -32.66
CA ASP B 41 -5.90 -10.36 -33.04
C ASP B 41 -6.19 -8.96 -32.49
N ALA B 42 -7.04 -8.84 -31.48
CA ALA B 42 -7.19 -7.58 -30.75
C ALA B 42 -7.93 -7.87 -29.46
N SER B 43 -7.78 -6.96 -28.50
CA SER B 43 -8.52 -7.07 -27.24
C SER B 43 -8.80 -5.68 -26.68
N PHE B 44 -9.85 -5.59 -25.86
CA PHE B 44 -10.35 -4.33 -25.36
C PHE B 44 -10.80 -4.50 -23.91
N PHE B 45 -10.32 -3.60 -23.04
CA PHE B 45 -10.53 -3.64 -21.60
C PHE B 45 -10.99 -2.26 -21.13
N TYR B 46 -11.69 -2.24 -20.00
CA TYR B 46 -12.07 -1.00 -19.35
C TYR B 46 -11.95 -1.15 -17.84
N VAL B 47 -11.81 0.00 -17.17
CA VAL B 47 -11.68 0.07 -15.72
C VAL B 47 -12.92 0.78 -15.19
N GLU B 48 -13.42 0.31 -14.06
CA GLU B 48 -14.52 0.99 -13.40
C GLU B 48 -14.51 0.67 -11.91
N SER B 49 -15.19 1.52 -11.16
CA SER B 49 -15.59 1.20 -9.80
C SER B 49 -16.94 0.48 -9.81
N ARG B 50 -17.01 -0.69 -9.18
CA ARG B 50 -18.27 -1.42 -9.16
C ARG B 50 -19.09 -1.15 -7.91
N GLY B 51 -18.87 0.00 -7.26
CA GLY B 51 -19.58 0.36 -6.05
C GLY B 51 -18.61 0.57 -4.89
N GLY B 52 -19.11 0.35 -3.68
CA GLY B 52 -18.28 0.43 -2.49
C GLY B 52 -18.77 1.53 -1.57
N VAL B 53 -17.81 2.20 -0.91
CA VAL B 53 -18.19 3.13 0.15
C VAL B 53 -18.90 4.36 -0.42
N TYR B 54 -18.37 4.95 -1.49
CA TYR B 54 -19.00 6.14 -2.04
C TYR B 54 -19.63 5.84 -3.38
N ASP B 55 -20.54 6.74 -3.79
CA ASP B 55 -21.30 6.66 -5.02
C ASP B 55 -20.58 7.28 -6.21
N GLN B 56 -19.43 7.91 -6.00
CA GLN B 56 -18.72 8.53 -7.11
C GLN B 56 -17.25 8.60 -6.73
N THR B 57 -16.39 8.54 -7.74
CA THR B 57 -14.94 8.51 -7.54
C THR B 57 -14.28 9.66 -8.28
N ALA B 58 -13.31 10.30 -7.63
CA ALA B 58 -12.46 11.28 -8.30
C ALA B 58 -11.34 10.51 -8.98
N PHE B 59 -11.29 10.60 -10.31
CA PHE B 59 -10.30 9.84 -11.07
C PHE B 59 -8.96 10.56 -11.06
N PHE B 60 -7.93 9.90 -10.50
CA PHE B 60 -6.61 10.51 -10.44
C PHE B 60 -5.56 9.41 -10.38
N GLY B 61 -4.39 9.69 -10.95
CA GLY B 61 -3.18 8.92 -10.71
C GLY B 61 -2.65 8.18 -11.91
N LEU B 62 -3.49 7.94 -12.92
CA LEU B 62 -3.04 7.21 -14.10
C LEU B 62 -1.82 7.85 -14.74
N GLN B 63 -1.76 9.19 -14.76
CA GLN B 63 -0.64 9.86 -15.44
C GLN B 63 0.68 9.53 -14.74
N SER B 64 0.69 9.56 -13.41
CA SER B 64 1.86 9.13 -12.64
C SER B 64 2.21 7.68 -12.95
N ILE B 65 1.21 6.81 -12.93
CA ILE B 65 1.46 5.39 -13.13
C ILE B 65 2.13 5.15 -14.48
N LEU B 66 1.61 5.79 -15.55
CA LEU B 66 2.20 5.57 -16.87
C LEU B 66 3.59 6.17 -16.96
N LYS B 67 3.80 7.35 -16.37
CA LYS B 67 5.12 7.98 -16.43
C LYS B 67 6.17 7.12 -15.76
N GLU B 68 5.80 6.46 -14.66
CA GLU B 68 6.77 5.69 -13.88
C GLU B 68 6.92 4.27 -14.41
N ALA B 69 5.79 3.59 -14.67
CA ALA B 69 5.82 2.17 -15.00
C ALA B 69 6.18 1.93 -16.46
N ILE B 70 5.86 2.88 -17.35
CA ILE B 70 6.29 2.77 -18.75
C ILE B 70 7.12 3.99 -19.12
N ASN B 71 8.32 4.08 -18.54
CA ASN B 71 9.17 5.24 -18.69
C ASN B 71 10.16 5.12 -19.86
N ARG B 72 10.20 3.98 -20.55
CA ARG B 72 11.20 3.77 -21.60
C ARG B 72 10.76 2.62 -22.48
N PRO B 73 11.29 2.55 -23.70
CA PRO B 73 11.06 1.36 -24.53
C PRO B 73 11.61 0.10 -23.84
N VAL B 74 10.88 -1.01 -24.02
CA VAL B 74 11.41 -2.33 -23.67
C VAL B 74 12.66 -2.58 -24.51
N THR B 75 13.61 -3.31 -23.93
CA THR B 75 14.89 -3.62 -24.54
C THR B 75 15.13 -5.12 -24.58
N HIS B 76 16.12 -5.51 -25.38
CA HIS B 76 16.59 -6.90 -25.38
C HIS B 76 17.12 -7.33 -24.03
N ALA B 77 17.80 -6.43 -23.30
CA ALA B 77 18.23 -6.76 -21.95
C ALA B 77 17.03 -7.10 -21.07
N ASP B 78 15.93 -6.33 -21.20
CA ASP B 78 14.69 -6.63 -20.46
C ASP B 78 14.22 -8.03 -20.76
N ILE B 79 14.28 -8.42 -22.04
CA ILE B 79 13.76 -9.73 -22.42
C ILE B 79 14.65 -10.84 -21.87
N ASP B 80 15.97 -10.68 -21.99
CA ASP B 80 16.89 -11.67 -21.47
C ASP B 80 16.66 -11.90 -19.99
N ASP B 81 16.58 -10.79 -19.24
CA ASP B 81 16.34 -10.86 -17.80
C ASP B 81 15.02 -11.55 -17.49
N ALA B 82 13.94 -11.10 -18.13
CA ALA B 82 12.64 -11.71 -17.86
C ALA B 82 12.63 -13.18 -18.24
N LYS B 83 13.29 -13.52 -19.35
CA LYS B 83 13.26 -14.89 -19.83
C LYS B 83 13.91 -15.82 -18.81
N ALA B 84 15.09 -15.44 -18.32
CA ALA B 84 15.80 -16.24 -17.32
C ALA B 84 15.00 -16.34 -16.02
N LEU B 85 14.53 -15.21 -15.50
CA LEU B 85 13.84 -15.26 -14.21
C LEU B 85 12.56 -16.06 -14.32
N LEU B 86 11.82 -15.92 -15.43
CA LEU B 86 10.50 -16.54 -15.48
C LEU B 86 10.60 -18.04 -15.70
N ALA B 87 11.55 -18.47 -16.55
CA ALA B 87 11.80 -19.91 -16.69
C ALA B 87 12.10 -20.55 -15.34
N ALA B 88 12.99 -19.94 -14.56
CA ALA B 88 13.36 -20.52 -13.27
C ALA B 88 12.18 -20.45 -12.30
N HIS B 89 11.41 -19.37 -12.33
CA HIS B 89 10.22 -19.18 -11.48
C HIS B 89 9.12 -20.19 -11.82
N GLY B 90 9.07 -20.68 -13.05
CA GLY B 90 8.07 -21.67 -13.38
C GLY B 90 7.04 -21.25 -14.40
N GLU B 91 7.25 -20.08 -15.09
CA GLU B 91 6.29 -19.62 -16.07
C GLU B 91 6.85 -19.73 -17.48
N PRO B 92 6.00 -20.04 -18.47
CA PRO B 92 6.42 -19.83 -19.86
C PRO B 92 6.64 -18.35 -20.12
N PHE B 93 7.36 -18.06 -21.21
CA PHE B 93 7.68 -16.68 -21.53
C PHE B 93 7.63 -16.50 -23.04
N ASN B 94 6.91 -15.49 -23.48
CA ASN B 94 6.71 -15.27 -24.92
C ASN B 94 7.89 -14.47 -25.46
N GLU B 95 9.05 -15.13 -25.48
CA GLU B 95 10.26 -14.45 -25.93
C GLU B 95 10.08 -13.84 -27.32
N ALA B 96 9.56 -14.63 -28.26
CA ALA B 96 9.45 -14.18 -29.64
C ALA B 96 8.53 -12.98 -29.73
N GLY B 97 7.46 -12.96 -28.94
CA GLY B 97 6.52 -11.86 -28.99
C GLY B 97 7.12 -10.56 -28.48
N TRP B 98 7.89 -10.64 -27.39
CA TRP B 98 8.57 -9.45 -26.89
C TRP B 98 9.68 -9.02 -27.84
N ARG B 99 10.48 -9.97 -28.35
CA ARG B 99 11.53 -9.57 -29.30
C ARG B 99 10.93 -8.84 -30.46
N ASP B 100 9.82 -9.35 -30.98
CA ASP B 100 9.12 -8.67 -32.06
C ASP B 100 8.72 -7.23 -31.66
N ILE B 101 8.22 -7.03 -30.44
CA ILE B 101 7.85 -5.68 -30.03
C ILE B 101 9.08 -4.79 -30.01
N VAL B 102 10.21 -5.32 -29.55
CA VAL B 102 11.46 -4.59 -29.52
C VAL B 102 11.95 -4.29 -30.95
N ASP B 103 12.03 -5.32 -31.80
CA ASP B 103 12.64 -5.15 -33.11
C ASP B 103 11.74 -4.42 -34.09
N ARG B 104 10.43 -4.69 -34.06
CA ARG B 104 9.55 -4.11 -35.05
C ARG B 104 8.89 -2.84 -34.56
N LEU B 105 8.59 -2.74 -33.27
CA LEU B 105 7.85 -1.57 -32.77
C LEU B 105 8.74 -0.66 -31.93
N GLY B 106 10.06 -0.77 -32.07
CA GLY B 106 10.95 0.02 -31.26
C GLY B 106 10.75 -0.16 -29.78
N GLY B 107 10.21 -1.30 -29.36
CA GLY B 107 10.02 -1.51 -27.93
C GLY B 107 8.93 -0.66 -27.30
N GLN B 108 8.06 -0.05 -28.10
CA GLN B 108 6.93 0.73 -27.61
C GLN B 108 5.67 -0.13 -27.58
N LEU B 109 4.97 -0.12 -26.45
CA LEU B 109 3.83 -1.00 -26.27
C LEU B 109 2.74 -0.61 -27.25
N PRO B 110 2.20 -1.56 -28.03
CA PRO B 110 1.14 -1.19 -28.99
C PRO B 110 -0.25 -1.21 -28.34
N ILE B 111 -0.53 -0.18 -27.54
CA ILE B 111 -1.81 -0.03 -26.84
C ILE B 111 -2.27 1.41 -26.94
N ARG B 112 -3.57 1.59 -26.72
CA ARG B 112 -4.15 2.90 -26.61
C ARG B 112 -4.95 2.94 -25.32
N ILE B 113 -4.65 3.92 -24.48
CA ILE B 113 -5.33 4.11 -23.22
C ILE B 113 -6.12 5.41 -23.31
N ARG B 114 -7.42 5.31 -23.06
CA ARG B 114 -8.30 6.48 -22.97
C ARG B 114 -8.82 6.59 -21.54
N ALA B 115 -9.04 7.82 -21.09
CA ALA B 115 -9.34 8.03 -19.67
C ALA B 115 -10.09 9.33 -19.49
N VAL B 116 -10.92 9.36 -18.47
CA VAL B 116 -11.59 10.61 -18.14
C VAL B 116 -10.55 11.59 -17.58
N PRO B 117 -10.63 12.89 -17.87
CA PRO B 117 -9.58 13.80 -17.40
C PRO B 117 -9.43 13.70 -15.89
N GLU B 118 -8.19 13.62 -15.45
CA GLU B 118 -7.93 13.44 -14.03
C GLU B 118 -8.50 14.60 -13.24
N GLY B 119 -9.11 14.30 -12.10
CA GLY B 119 -9.87 15.27 -11.35
C GLY B 119 -11.37 15.21 -11.53
N CYS B 120 -11.85 14.78 -12.69
CA CYS B 120 -13.28 14.50 -12.80
C CYS B 120 -13.80 13.51 -11.76
N VAL B 121 -15.05 13.70 -11.37
CA VAL B 121 -15.72 12.90 -10.35
C VAL B 121 -16.90 12.21 -11.03
N VAL B 122 -16.85 10.89 -11.11
CA VAL B 122 -17.72 10.11 -11.98
C VAL B 122 -18.49 9.12 -11.12
N PRO B 123 -19.82 9.00 -11.27
CA PRO B 123 -20.57 7.99 -10.50
C PRO B 123 -20.00 6.60 -10.73
N THR B 124 -20.21 5.72 -9.75
CA THR B 124 -19.70 4.37 -9.87
C THR B 124 -20.38 3.63 -11.02
N HIS B 125 -19.82 2.46 -11.37
CA HIS B 125 -20.31 1.63 -12.46
C HIS B 125 -20.14 2.28 -13.83
N ASN B 126 -19.15 3.16 -13.97
CA ASN B 126 -18.94 3.82 -15.26
C ASN B 126 -17.52 3.59 -15.75
N VAL B 127 -17.41 3.56 -17.08
CA VAL B 127 -16.10 3.44 -17.71
C VAL B 127 -15.27 4.65 -17.29
N LEU B 128 -14.20 4.40 -16.55
CA LEU B 128 -13.23 5.43 -16.20
C LEU B 128 -12.03 5.47 -17.14
N MET B 129 -11.61 4.32 -17.68
CA MET B 129 -10.53 4.28 -18.66
C MET B 129 -10.71 3.04 -19.49
N THR B 130 -10.17 3.07 -20.70
CA THR B 130 -10.16 1.92 -21.59
C THR B 130 -8.74 1.66 -22.07
N ILE B 131 -8.48 0.40 -22.39
CA ILE B 131 -7.19 -0.05 -22.90
C ILE B 131 -7.48 -0.94 -24.09
N GLU B 132 -6.93 -0.60 -25.24
CA GLU B 132 -7.17 -1.36 -26.45
C GLU B 132 -5.84 -1.68 -27.12
N SER B 133 -5.73 -2.87 -27.71
CA SER B 133 -4.53 -3.20 -28.46
C SER B 133 -4.56 -2.53 -29.84
N THR B 134 -3.37 -2.21 -30.35
CA THR B 134 -3.28 -1.52 -31.65
C THR B 134 -2.43 -2.28 -32.65
N ASP B 135 -2.08 -3.53 -32.37
CA ASP B 135 -1.24 -4.33 -33.26
C ASP B 135 -1.77 -5.75 -33.22
N ALA B 136 -2.01 -6.33 -34.40
CA ALA B 136 -2.64 -7.64 -34.48
C ALA B 136 -1.78 -8.71 -33.83
N LYS B 137 -0.48 -8.69 -34.08
CA LYS B 137 0.39 -9.75 -33.57
C LYS B 137 0.51 -9.66 -32.06
N ALA B 138 0.48 -8.45 -31.51
CA ALA B 138 0.73 -8.20 -30.09
C ALA B 138 -0.55 -7.87 -29.33
N PHE B 139 -1.67 -8.47 -29.74
CA PHE B 139 -2.98 -8.19 -29.14
C PHE B 139 -3.03 -8.45 -27.65
N TRP B 140 -2.16 -9.30 -27.12
CA TRP B 140 -2.21 -9.78 -25.73
C TRP B 140 -1.62 -8.80 -24.73
N VAL B 141 -1.06 -7.67 -25.18
CA VAL B 141 -0.38 -6.76 -24.26
C VAL B 141 -1.33 -6.10 -23.25
N PRO B 142 -2.57 -5.72 -23.58
CA PRO B 142 -3.36 -5.02 -22.57
C PRO B 142 -3.52 -5.82 -21.30
N SER B 143 -3.79 -7.11 -21.43
CA SER B 143 -4.01 -7.91 -20.24
C SER B 143 -2.72 -8.09 -19.43
N TYR B 144 -1.56 -8.20 -20.09
CA TYR B 144 -0.28 -8.22 -19.38
C TYR B 144 -0.16 -7.03 -18.43
N LEU B 145 -0.73 -5.89 -18.81
CA LEU B 145 -0.62 -4.64 -18.06
C LEU B 145 -1.71 -4.47 -17.02
N GLU B 146 -2.62 -5.44 -16.87
CA GLU B 146 -3.70 -5.29 -15.89
C GLU B 146 -3.17 -5.02 -14.49
N THR B 147 -2.14 -5.76 -14.06
CA THR B 147 -1.67 -5.66 -12.68
C THR B 147 -1.23 -4.24 -12.36
N LEU B 148 -0.37 -3.65 -13.19
CA LEU B 148 0.09 -2.32 -12.86
C LEU B 148 -0.97 -1.27 -13.14
N LEU B 149 -1.88 -1.50 -14.08
CA LEU B 149 -2.88 -0.46 -14.32
C LEU B 149 -3.96 -0.49 -13.25
N LEU B 150 -4.38 -1.67 -12.82
CA LEU B 150 -5.46 -1.73 -11.83
C LEU B 150 -5.05 -1.10 -10.50
N ARG B 151 -3.74 -0.97 -10.24
CA ARG B 151 -3.27 -0.27 -9.05
C ARG B 151 -3.68 1.22 -9.07
N VAL B 152 -4.28 1.68 -10.16
CA VAL B 152 -4.84 3.01 -10.17
C VAL B 152 -5.96 3.15 -9.15
N TRP B 153 -6.50 2.02 -8.64
CA TRP B 153 -7.50 2.07 -7.59
C TRP B 153 -7.02 2.91 -6.41
N TYR B 154 -5.71 2.93 -6.17
CA TYR B 154 -5.19 3.55 -4.96
C TYR B 154 -5.22 5.07 -5.04
N PRO B 155 -4.59 5.71 -6.03
CA PRO B 155 -4.77 7.18 -6.13
C PRO B 155 -6.23 7.57 -6.30
N VAL B 156 -7.02 6.78 -7.04
CA VAL B 156 -8.44 7.13 -7.19
C VAL B 156 -9.13 7.15 -5.84
N THR B 157 -8.84 6.14 -5.00
CA THR B 157 -9.59 6.01 -3.77
C THR B 157 -9.15 7.05 -2.75
N VAL B 158 -7.84 7.33 -2.66
CA VAL B 158 -7.39 8.40 -1.77
C VAL B 158 -7.97 9.73 -2.23
N ALA B 159 -7.93 9.99 -3.54
CA ALA B 159 -8.50 11.22 -4.05
C ALA B 159 -9.99 11.31 -3.76
N THR B 160 -10.68 10.17 -3.74
CA THR B 160 -12.12 10.17 -3.50
C THR B 160 -12.44 10.40 -2.03
N VAL B 161 -11.76 9.69 -1.13
CA VAL B 161 -11.94 9.91 0.30
C VAL B 161 -11.66 11.37 0.66
N SER B 162 -10.56 11.90 0.13
CA SER B 162 -10.20 13.29 0.35
C SER B 162 -11.23 14.25 -0.26
N TRP B 163 -11.79 13.90 -1.42
CA TRP B 163 -12.82 14.76 -2.02
C TRP B 163 -14.14 14.65 -1.28
N GLN B 164 -14.45 13.46 -0.73
CA GLN B 164 -15.69 13.32 0.02
C GLN B 164 -15.64 14.16 1.29
N VAL B 165 -14.48 14.14 1.98
CA VAL B 165 -14.27 15.00 3.14
C VAL B 165 -14.45 16.46 2.76
N LYS B 166 -13.87 16.86 1.63
CA LYS B 166 -13.96 18.25 1.20
C LYS B 166 -15.42 18.70 1.11
N GLN B 167 -16.29 17.86 0.53
CA GLN B 167 -17.69 18.25 0.40
C GLN B 167 -18.35 18.44 1.76
N ILE B 168 -17.92 17.67 2.75
CA ILE B 168 -18.49 17.84 4.09
C ILE B 168 -18.05 19.17 4.70
N VAL B 169 -16.74 19.44 4.66
CA VAL B 169 -16.25 20.70 5.21
C VAL B 169 -16.86 21.88 4.45
N ARG B 170 -16.90 21.78 3.11
CA ARG B 170 -17.51 22.81 2.28
C ARG B 170 -18.94 23.13 2.70
N ASP B 171 -19.75 22.09 2.90
CA ASP B 171 -21.12 22.28 3.36
C ASP B 171 -21.17 23.15 4.63
N PHE B 172 -20.37 22.79 5.64
CA PHE B 172 -20.39 23.54 6.88
C PHE B 172 -19.75 24.91 6.73
N LEU B 173 -18.80 25.06 5.82
CA LEU B 173 -18.26 26.40 5.60
C LEU B 173 -19.28 27.29 4.89
N GLN B 174 -20.02 26.74 3.93
CA GLN B 174 -21.07 27.54 3.29
C GLN B 174 -22.10 27.98 4.30
N ARG B 175 -22.35 27.19 5.33
CA ARG B 175 -23.33 27.60 6.33
C ARG B 175 -22.76 28.60 7.33
N THR B 176 -21.48 28.51 7.68
CA THR B 176 -21.01 29.22 8.86
C THR B 176 -19.88 30.21 8.61
N SER B 177 -19.28 30.23 7.43
CA SER B 177 -18.09 31.01 7.14
C SER B 177 -18.39 32.16 6.19
N ASP B 178 -17.67 33.29 6.38
CA ASP B 178 -17.80 34.39 5.43
C ASP B 178 -16.97 34.16 4.16
N ASP B 179 -16.01 33.24 4.18
CA ASP B 179 -15.15 32.98 3.02
C ASP B 179 -14.99 31.48 2.90
N PRO B 180 -16.07 30.78 2.52
CA PRO B 180 -16.01 29.31 2.52
C PRO B 180 -14.90 28.76 1.62
N GLU B 181 -14.81 29.26 0.39
CA GLU B 181 -13.87 28.73 -0.58
C GLU B 181 -12.43 29.19 -0.30
N GLY B 182 -12.23 30.33 0.37
CA GLY B 182 -10.90 30.66 0.84
C GLY B 182 -10.46 29.90 2.07
N GLN B 183 -11.42 29.44 2.88
CA GLN B 183 -11.09 28.66 4.07
C GLN B 183 -10.84 27.21 3.71
N LEU B 184 -11.60 26.71 2.74
CA LEU B 184 -11.66 25.27 2.48
C LEU B 184 -10.31 24.63 2.15
N PRO B 185 -9.41 25.23 1.37
CA PRO B 185 -8.23 24.46 0.92
C PRO B 185 -7.29 24.03 2.02
N PHE B 186 -7.46 24.53 3.25
CA PHE B 186 -6.55 24.22 4.35
C PHE B 186 -7.19 23.35 5.42
N LYS B 187 -8.35 22.76 5.14
CA LYS B 187 -9.10 22.16 6.24
C LYS B 187 -8.82 20.67 6.45
N LEU B 188 -8.18 19.98 5.48
CA LEU B 188 -7.75 18.60 5.67
C LEU B 188 -6.26 18.50 5.36
N HIS B 189 -5.46 18.27 6.39
CA HIS B 189 -4.03 18.13 6.28
C HIS B 189 -3.62 16.65 6.29
N ASP B 190 -2.63 16.32 5.46
CA ASP B 190 -2.09 14.95 5.39
C ASP B 190 -0.90 14.82 6.35
N PHE B 191 -1.01 13.85 7.30
CA PHE B 191 0.07 13.48 8.23
C PHE B 191 0.50 12.02 8.00
N GLY B 192 0.31 11.51 6.80
CA GLY B 192 0.27 10.09 6.53
C GLY B 192 1.57 9.39 6.22
N ALA B 193 2.73 10.05 6.29
CA ALA B 193 3.90 9.39 5.72
C ALA B 193 4.43 8.24 6.60
N ARG B 194 4.22 8.30 7.93
CA ARG B 194 4.71 7.23 8.81
C ARG B 194 3.90 5.95 8.63
N GLY B 195 2.64 6.10 8.23
CA GLY B 195 1.68 5.04 8.33
C GLY B 195 1.29 4.42 7.03
N VAL B 196 2.01 4.71 5.94
CA VAL B 196 1.70 4.15 4.63
C VAL B 196 2.77 3.10 4.31
N SER B 197 2.44 2.20 3.39
CA SER B 197 3.27 1.00 3.25
C SER B 197 4.63 1.26 2.60
N SER B 198 4.78 2.32 1.80
CA SER B 198 6.08 2.52 1.16
C SER B 198 6.23 3.97 0.73
N LEU B 199 7.45 4.29 0.30
CA LEU B 199 7.74 5.64 -0.15
C LEU B 199 6.92 5.99 -1.38
N GLY B 200 6.83 5.06 -2.34
CA GLY B 200 6.10 5.32 -3.55
C GLY B 200 4.61 5.48 -3.31
N SER B 201 4.05 4.67 -2.42
CA SER B 201 2.67 4.87 -2.00
C SER B 201 2.48 6.22 -1.32
N ALA B 202 3.42 6.59 -0.45
CA ALA B 202 3.34 7.89 0.20
C ALA B 202 3.30 9.01 -0.83
N ALA B 203 4.15 8.94 -1.85
CA ALA B 203 4.21 10.01 -2.84
C ALA B 203 2.92 10.08 -3.66
N LEU B 204 2.43 8.94 -4.12
CA LEU B 204 1.25 8.91 -4.98
C LEU B 204 -0.03 9.18 -4.20
N GLY B 205 -0.21 8.56 -3.04
CA GLY B 205 -1.38 8.83 -2.24
C GLY B 205 -1.37 10.25 -1.68
N GLY B 206 -0.20 10.69 -1.20
CA GLY B 206 -0.09 12.08 -0.79
C GLY B 206 -0.48 13.04 -1.89
N ALA B 207 -0.05 12.76 -3.13
CA ALA B 207 -0.45 13.58 -4.27
C ALA B 207 -1.96 13.52 -4.48
N ALA B 208 -2.55 12.34 -4.33
CA ALA B 208 -3.99 12.21 -4.51
C ALA B 208 -4.75 13.06 -3.50
N HIS B 209 -4.20 13.22 -2.30
CA HIS B 209 -4.82 14.13 -1.37
C HIS B 209 -4.71 15.57 -1.84
N LEU B 210 -3.58 15.94 -2.45
CA LEU B 210 -3.35 17.33 -2.85
C LEU B 210 -4.20 17.75 -4.02
N VAL B 211 -4.85 16.79 -4.67
CA VAL B 211 -5.91 17.05 -5.64
C VAL B 211 -6.98 17.94 -5.03
N ASN B 212 -7.19 17.85 -3.70
CA ASN B 212 -8.33 18.49 -3.05
C ASN B 212 -7.95 19.59 -2.07
N PHE B 213 -6.73 19.55 -1.53
CA PHE B 213 -6.32 20.45 -0.46
C PHE B 213 -4.90 20.93 -0.73
N LEU B 214 -4.49 21.95 0.04
CA LEU B 214 -3.14 22.50 -0.08
C LEU B 214 -2.18 22.09 1.03
N GLY B 215 -2.67 21.56 2.18
CA GLY B 215 -1.81 21.32 3.32
C GLY B 215 -1.35 19.84 3.39
N THR B 216 -0.04 19.66 3.55
CA THR B 216 0.49 18.30 3.64
C THR B 216 1.80 18.34 4.40
N ASP B 217 2.07 17.25 5.14
CA ASP B 217 3.39 17.01 5.70
C ASP B 217 4.10 15.90 4.98
N THR B 218 3.51 15.40 3.89
CA THR B 218 4.05 14.28 3.14
C THR B 218 4.89 14.84 1.99
N LEU B 219 6.15 15.16 2.31
CA LEU B 219 7.03 15.78 1.32
C LEU B 219 7.11 14.96 0.05
N SER B 220 7.04 13.63 0.17
CA SER B 220 7.13 12.77 -1.02
C SER B 220 6.09 13.15 -2.07
N ALA B 221 4.92 13.64 -1.64
CA ALA B 221 3.85 14.04 -2.56
C ALA B 221 4.24 15.25 -3.40
N LEU B 222 5.00 16.18 -2.80
CA LEU B 222 5.52 17.32 -3.55
C LEU B 222 6.46 16.86 -4.65
N LEU B 223 7.31 15.87 -4.35
CA LEU B 223 8.26 15.38 -5.35
C LEU B 223 7.54 14.74 -6.53
N LEU B 224 6.49 13.95 -6.25
CA LEU B 224 5.75 13.32 -7.33
C LEU B 224 4.98 14.37 -8.12
N ALA B 225 4.32 15.29 -7.43
CA ALA B 225 3.56 16.32 -8.14
C ALA B 225 4.46 17.14 -9.04
N ARG B 226 5.68 17.41 -8.57
CA ARG B 226 6.66 18.17 -9.35
C ARG B 226 7.16 17.40 -10.56
N ALA B 227 7.35 16.08 -10.43
CA ALA B 227 7.95 15.29 -11.50
C ALA B 227 6.92 14.73 -12.47
N HIS B 228 5.69 14.54 -12.01
CA HIS B 228 4.66 13.89 -12.79
C HIS B 228 3.46 14.76 -13.12
N TYR B 229 3.24 15.85 -12.37
CA TYR B 229 2.12 16.75 -12.62
C TYR B 229 2.58 18.21 -12.80
N HIS B 230 3.84 18.43 -13.16
CA HIS B 230 4.32 19.76 -13.58
C HIS B 230 4.03 20.82 -12.52
N THR B 231 4.24 20.50 -11.25
CA THR B 231 3.87 21.42 -10.18
C THR B 231 4.98 21.57 -9.16
N PRO B 232 5.76 22.66 -9.22
CA PRO B 232 6.95 22.78 -8.34
C PRO B 232 6.68 22.62 -6.85
N VAL B 233 5.62 23.25 -6.33
CA VAL B 233 5.39 23.27 -4.89
C VAL B 233 3.92 23.02 -4.67
N ALA B 234 3.52 21.75 -4.59
CA ALA B 234 2.09 21.48 -4.67
C ALA B 234 1.36 21.81 -3.39
N GLY B 235 2.05 21.90 -2.26
CA GLY B 235 1.37 22.14 -1.00
C GLY B 235 2.34 22.67 0.04
N TYR B 236 1.78 22.95 1.22
CA TYR B 236 2.42 23.76 2.25
C TYR B 236 2.18 23.15 3.63
N SER B 237 2.96 23.60 4.61
CA SER B 237 2.74 23.21 6.00
C SER B 237 3.25 24.35 6.87
N ILE B 238 3.11 24.20 8.18
CA ILE B 238 3.64 25.13 9.16
C ILE B 238 4.47 24.34 10.18
N PRO B 239 5.49 24.93 10.79
CA PRO B 239 6.22 24.23 11.85
C PRO B 239 5.33 23.99 13.06
N ALA B 240 5.65 22.94 13.79
CA ALA B 240 4.85 22.50 14.93
C ALA B 240 5.76 22.34 16.15
N ALA B 241 5.64 23.26 17.11
CA ALA B 241 6.26 23.06 18.42
C ALA B 241 5.61 21.87 19.12
N GLU B 242 6.31 20.74 19.17
CA GLU B 242 5.86 19.51 19.83
C GLU B 242 5.77 19.63 21.35
N HIS B 243 6.21 20.77 21.91
CA HIS B 243 6.48 20.98 23.33
C HIS B 243 6.79 19.71 24.11
N SER B 244 8.05 19.30 24.10
CA SER B 244 8.49 18.06 24.75
C SER B 244 7.65 16.81 24.39
N PRO B 268 6.76 34.84 7.04
CA PRO B 268 7.61 34.38 8.16
C PRO B 268 6.83 33.52 9.17
N GLY B 269 7.28 33.50 10.42
CA GLY B 269 6.59 32.75 11.46
C GLY B 269 5.16 33.20 11.69
N ALA B 270 4.34 33.08 10.64
CA ALA B 270 2.95 33.54 10.69
C ALA B 270 2.11 32.65 11.61
N ILE B 271 2.13 31.35 11.38
CA ILE B 271 1.23 30.41 12.01
C ILE B 271 2.09 29.33 12.65
N VAL B 272 1.66 28.84 13.82
CA VAL B 272 2.43 27.84 14.55
C VAL B 272 1.45 26.83 15.15
N ALA B 273 1.80 25.55 15.06
CA ALA B 273 1.03 24.51 15.71
C ALA B 273 1.68 24.17 17.04
N VAL B 274 0.89 24.12 18.11
CA VAL B 274 1.35 23.59 19.40
C VAL B 274 0.41 22.47 19.85
N VAL B 275 1.00 21.40 20.38
CA VAL B 275 0.29 20.22 20.86
C VAL B 275 -0.20 20.48 22.29
N SER B 276 -1.28 19.81 22.69
CA SER B 276 -1.91 20.13 23.97
C SER B 276 -2.86 19.02 24.42
N ASP B 277 -3.83 19.39 25.25
CA ASP B 277 -4.99 18.60 25.64
C ASP B 277 -6.04 19.56 26.19
N SER B 278 -7.28 19.08 26.30
CA SER B 278 -8.38 19.91 26.78
C SER B 278 -8.08 20.49 28.17
N TYR B 279 -7.64 19.63 29.09
CA TYR B 279 -7.36 20.08 30.45
C TYR B 279 -6.21 21.08 30.52
N ASP B 280 -5.19 20.91 29.66
CA ASP B 280 -4.05 21.82 29.66
C ASP B 280 -4.48 23.26 29.39
N ILE B 281 -5.37 23.46 28.43
CA ILE B 281 -5.84 24.82 28.17
C ILE B 281 -6.55 25.37 29.39
N TYR B 282 -7.35 24.51 30.04
CA TYR B 282 -8.06 24.90 31.26
C TYR B 282 -7.09 25.34 32.35
N ARG B 283 -5.99 24.59 32.52
CA ARG B 283 -5.02 24.93 33.56
C ARG B 283 -4.29 26.22 33.23
N ALA B 284 -3.97 26.45 31.95
CA ALA B 284 -3.37 27.73 31.56
C ALA B 284 -4.29 28.90 31.89
N ILE B 285 -5.60 28.72 31.73
CA ILE B 285 -6.52 29.81 32.04
C ILE B 285 -6.50 30.13 33.53
N ARG B 286 -6.37 29.11 34.38
CA ARG B 286 -6.54 29.38 35.81
C ARG B 286 -5.22 29.55 36.54
N GLU B 287 -4.12 29.03 36.02
CA GLU B 287 -2.82 29.27 36.63
C GLU B 287 -2.20 30.54 36.05
N HIS B 288 -1.47 31.28 36.91
CA HIS B 288 -1.05 32.63 36.53
C HIS B 288 0.00 32.64 35.42
N TRP B 289 0.72 31.54 35.23
CA TRP B 289 1.62 31.48 34.08
C TRP B 289 0.87 31.54 32.76
N GLY B 290 -0.47 31.48 32.80
CA GLY B 290 -1.28 31.54 31.60
C GLY B 290 -1.65 32.94 31.20
N THR B 291 -1.72 33.87 32.16
CA THR B 291 -2.01 35.26 31.78
C THR B 291 -0.82 35.92 31.10
N THR B 292 0.41 35.50 31.45
CA THR B 292 1.58 35.96 30.71
C THR B 292 1.81 35.12 29.46
N LEU B 293 1.43 33.85 29.50
CA LEU B 293 1.35 33.04 28.29
C LEU B 293 0.47 33.71 27.24
N ARG B 294 -0.68 34.22 27.66
CA ARG B 294 -1.58 34.89 26.73
C ARG B 294 -1.01 36.23 26.29
N GLU B 295 -0.41 36.99 27.22
CA GLU B 295 0.26 38.23 26.83
C GLU B 295 1.26 37.98 25.71
N GLU B 296 2.07 36.92 25.84
CA GLU B 296 3.06 36.61 24.81
C GLU B 296 2.39 36.26 23.48
N ILE B 297 1.27 35.55 23.53
CA ILE B 297 0.61 35.10 22.30
C ILE B 297 0.07 36.31 21.52
N ILE B 298 -0.64 37.20 22.21
CA ILE B 298 -1.21 38.34 21.50
C ILE B 298 -0.12 39.32 21.10
N ALA B 299 0.88 39.52 21.97
CA ALA B 299 2.00 40.39 21.64
C ALA B 299 2.78 39.85 20.43
N SER B 300 2.92 38.53 20.34
CA SER B 300 3.49 37.96 19.12
C SER B 300 2.61 38.27 17.90
N GLY B 301 1.29 38.29 18.08
CA GLY B 301 0.41 38.53 16.95
C GLY B 301 0.34 37.39 15.95
N ALA B 302 0.94 36.25 16.25
CA ALA B 302 0.87 35.08 15.38
C ALA B 302 -0.35 34.24 15.75
N THR B 303 -0.86 33.50 14.76
CA THR B 303 -1.98 32.59 14.99
C THR B 303 -1.44 31.27 15.52
N VAL B 304 -1.90 30.87 16.69
CA VAL B 304 -1.50 29.62 17.29
C VAL B 304 -2.53 28.56 16.92
N VAL B 305 -2.07 27.42 16.42
CA VAL B 305 -2.94 26.31 16.08
C VAL B 305 -2.73 25.25 17.15
N ILE B 306 -3.74 25.01 17.97
CA ILE B 306 -3.67 23.97 18.99
C ILE B 306 -4.09 22.64 18.37
N ARG B 307 -3.23 21.61 18.52
CA ARG B 307 -3.64 20.25 18.20
C ARG B 307 -3.79 19.44 19.49
N PRO B 308 -4.99 19.17 19.96
CA PRO B 308 -5.11 18.20 21.06
C PRO B 308 -4.67 16.84 20.55
N ASP B 309 -3.98 16.08 21.41
CA ASP B 309 -3.57 14.73 21.01
C ASP B 309 -4.13 13.67 21.96
N SER B 310 -5.21 14.00 22.67
CA SER B 310 -5.86 13.08 23.58
C SER B 310 -7.33 13.46 23.72
N GLY B 311 -8.17 12.46 23.98
CA GLY B 311 -9.56 12.67 24.26
C GLY B 311 -10.46 12.32 23.08
N ASP B 312 -11.75 12.25 23.37
CA ASP B 312 -12.72 11.98 22.33
C ASP B 312 -12.62 13.06 21.26
N PRO B 313 -12.43 12.70 19.99
CA PRO B 313 -12.20 13.73 18.96
C PRO B 313 -13.23 14.85 18.98
N VAL B 314 -14.52 14.51 19.11
CA VAL B 314 -15.57 15.53 19.07
C VAL B 314 -15.55 16.38 20.33
N ASP B 315 -15.54 15.74 21.51
CA ASP B 315 -15.61 16.49 22.75
C ASP B 315 -14.40 17.40 22.91
N VAL B 316 -13.21 16.93 22.53
CA VAL B 316 -12.01 17.71 22.82
C VAL B 316 -11.96 18.95 21.94
N VAL B 317 -12.44 18.87 20.69
CA VAL B 317 -12.48 20.06 19.85
C VAL B 317 -13.42 21.10 20.47
N GLU B 318 -14.65 20.68 20.80
CA GLU B 318 -15.61 21.64 21.35
C GLU B 318 -15.08 22.29 22.63
N GLN B 319 -14.43 21.51 23.50
CA GLN B 319 -13.96 22.05 24.77
C GLN B 319 -12.79 22.98 24.57
N CYS B 320 -11.84 22.62 23.71
CA CYS B 320 -10.75 23.54 23.37
C CYS B 320 -11.31 24.85 22.84
N LEU B 321 -12.28 24.78 21.94
CA LEU B 321 -12.90 26.01 21.42
C LEU B 321 -13.53 26.83 22.54
N LEU B 322 -14.29 26.18 23.42
CA LEU B 322 -14.94 26.91 24.51
C LEU B 322 -13.91 27.53 25.44
N LEU B 323 -12.84 26.80 25.74
CA LEU B 323 -11.81 27.37 26.60
C LEU B 323 -11.01 28.44 25.88
N LEU B 324 -10.74 28.26 24.57
CA LEU B 324 -9.97 29.27 23.86
C LEU B 324 -10.76 30.55 23.71
N ASP B 325 -12.09 30.44 23.53
CA ASP B 325 -12.94 31.62 23.49
C ASP B 325 -12.88 32.37 24.81
N GLU B 326 -12.90 31.63 25.92
CA GLU B 326 -12.79 32.30 27.22
C GLU B 326 -11.49 33.09 27.30
N ALA B 327 -10.40 32.47 26.84
CA ALA B 327 -9.06 33.05 26.97
C ALA B 327 -8.82 34.19 25.98
N PHE B 328 -9.29 34.07 24.73
CA PHE B 328 -8.91 35.03 23.71
C PHE B 328 -10.06 35.80 23.07
N GLY B 329 -11.31 35.48 23.35
CA GLY B 329 -12.41 36.19 22.73
C GLY B 329 -12.69 35.75 21.30
N HIS B 330 -13.69 36.39 20.71
CA HIS B 330 -14.10 36.03 19.36
C HIS B 330 -14.69 37.26 18.67
N GLN B 331 -14.79 37.17 17.35
CA GLN B 331 -15.63 38.03 16.54
C GLN B 331 -16.84 37.22 16.08
N VAL B 332 -17.94 37.92 15.81
CA VAL B 332 -19.14 37.30 15.24
C VAL B 332 -19.11 37.58 13.74
N ASN B 333 -18.97 36.56 12.91
CA ASN B 333 -18.85 36.85 11.48
C ASN B 333 -20.23 37.18 10.92
N GLY B 334 -20.29 37.40 9.60
CA GLY B 334 -21.51 37.85 8.94
C GLY B 334 -22.61 36.81 8.86
N LYS B 335 -22.28 35.54 9.07
CA LYS B 335 -23.32 34.52 9.20
C LYS B 335 -23.78 34.37 10.64
N GLY B 336 -23.23 35.16 11.55
CA GLY B 336 -23.57 35.07 12.95
C GLY B 336 -22.80 34.04 13.77
N TYR B 337 -21.74 33.46 13.24
CA TYR B 337 -20.97 32.48 13.99
C TYR B 337 -19.71 33.12 14.56
N LYS B 338 -19.20 32.50 15.62
CA LYS B 338 -18.03 33.00 16.35
C LYS B 338 -16.74 32.56 15.66
N VAL B 339 -15.83 33.50 15.48
CA VAL B 339 -14.48 33.19 15.00
C VAL B 339 -13.51 33.62 16.08
N LEU B 340 -12.76 32.67 16.65
CA LEU B 340 -11.83 32.99 17.72
C LEU B 340 -10.76 34.00 17.25
N ASN B 341 -10.32 34.87 18.17
CA ASN B 341 -9.14 35.71 17.94
C ASN B 341 -7.86 34.93 18.20
N HIS B 342 -6.91 34.98 17.25
CA HIS B 342 -5.52 34.53 17.43
C HIS B 342 -5.31 33.03 17.54
N VAL B 343 -6.36 32.22 17.69
CA VAL B 343 -6.12 30.78 17.85
C VAL B 343 -7.01 29.97 16.92
N ARG B 344 -6.52 28.80 16.56
CA ARG B 344 -7.25 27.84 15.76
C ARG B 344 -7.04 26.47 16.40
N VAL B 345 -7.82 25.50 15.95
CA VAL B 345 -7.71 24.14 16.47
C VAL B 345 -7.62 23.21 15.27
N ILE B 346 -6.68 22.28 15.31
CA ILE B 346 -6.61 21.23 14.31
C ILE B 346 -6.74 19.91 15.03
N GLN B 347 -7.73 19.12 14.65
CA GLN B 347 -7.91 17.79 15.22
C GLN B 347 -7.28 16.80 14.25
N GLY B 348 -6.15 16.22 14.66
CA GLY B 348 -5.47 15.23 13.87
C GLY B 348 -5.65 13.80 14.32
N ASP B 349 -6.48 13.52 15.32
CA ASP B 349 -6.65 12.17 15.83
C ASP B 349 -8.09 11.68 15.67
N GLY B 350 -8.22 10.42 15.24
CA GLY B 350 -9.53 9.78 15.16
C GLY B 350 -10.41 10.33 14.08
N ILE B 351 -9.82 10.92 13.04
CA ILE B 351 -10.60 11.58 12.01
C ILE B 351 -10.97 10.59 10.93
N ASN B 352 -12.24 10.60 10.56
CA ASN B 352 -12.78 9.93 9.39
C ASN B 352 -14.00 10.72 8.96
N PRO B 353 -14.55 10.42 7.79
CA PRO B 353 -15.77 11.15 7.37
C PRO B 353 -16.87 11.22 8.41
N GLN B 354 -16.96 10.23 9.31
CA GLN B 354 -18.04 10.27 10.31
C GLN B 354 -17.68 11.17 11.48
N SER B 355 -16.52 10.93 12.11
CA SER B 355 -16.14 11.78 13.23
C SER B 355 -15.93 13.22 12.78
N LEU B 356 -15.39 13.41 11.57
CA LEU B 356 -15.22 14.76 11.04
C LEU B 356 -16.55 15.50 11.00
N ARG B 357 -17.58 14.86 10.44
CA ARG B 357 -18.88 15.50 10.41
C ARG B 357 -19.43 15.71 11.81
N ALA B 358 -19.29 14.71 12.68
CA ALA B 358 -19.75 14.83 14.05
C ALA B 358 -19.11 16.05 14.73
N ILE B 359 -17.81 16.26 14.51
CA ILE B 359 -17.15 17.44 15.06
C ILE B 359 -17.79 18.72 14.54
N LEU B 360 -17.88 18.84 13.22
CA LEU B 360 -18.41 20.05 12.61
C LEU B 360 -19.83 20.35 13.12
N GLU B 361 -20.64 19.30 13.27
CA GLU B 361 -21.99 19.46 13.81
C GLU B 361 -21.96 19.99 15.23
N ARG B 362 -21.05 19.48 16.06
CA ARG B 362 -21.02 19.90 17.46
C ARG B 362 -20.62 21.37 17.58
N ILE B 363 -19.55 21.77 16.89
CA ILE B 363 -19.04 23.12 17.10
C ILE B 363 -19.97 24.14 16.47
N THR B 364 -20.56 23.82 15.32
CA THR B 364 -21.49 24.78 14.75
C THR B 364 -22.77 24.86 15.58
N ALA B 365 -23.26 23.75 16.11
CA ALA B 365 -24.38 23.87 17.05
C ALA B 365 -23.98 24.68 18.28
N ALA B 366 -22.71 24.60 18.68
CA ALA B 366 -22.22 25.46 19.75
C ALA B 366 -22.00 26.91 19.32
N GLY B 367 -22.31 27.26 18.08
CA GLY B 367 -22.20 28.63 17.63
C GLY B 367 -20.86 29.03 17.05
N TYR B 368 -19.96 28.08 16.83
CA TYR B 368 -18.62 28.35 16.30
C TYR B 368 -18.56 28.10 14.81
N ALA B 369 -17.95 29.05 14.09
CA ALA B 369 -17.76 28.94 12.66
C ALA B 369 -16.77 27.82 12.33
N ALA B 370 -16.97 27.20 11.16
CA ALA B 370 -16.07 26.14 10.74
C ALA B 370 -14.67 26.65 10.40
N ASP B 371 -14.50 27.97 10.30
CA ASP B 371 -13.18 28.57 10.15
C ASP B 371 -12.25 28.17 11.28
N ASN B 372 -12.80 27.90 12.47
CA ASN B 372 -11.99 27.75 13.67
C ASN B 372 -11.18 26.44 13.70
N VAL B 373 -11.57 25.45 12.90
CA VAL B 373 -11.01 24.12 13.08
C VAL B 373 -10.51 23.61 11.75
N ALA B 374 -9.50 22.77 11.81
CA ALA B 374 -9.04 21.99 10.67
C ALA B 374 -8.86 20.54 11.14
N PHE B 375 -8.52 19.67 10.21
CA PHE B 375 -8.51 18.25 10.48
C PHE B 375 -7.24 17.65 9.87
N GLY B 376 -6.71 16.65 10.55
CA GLY B 376 -5.57 15.89 10.06
C GLY B 376 -5.93 14.43 9.91
N MET B 377 -5.46 13.82 8.81
CA MET B 377 -5.58 12.39 8.59
C MET B 377 -4.23 11.85 8.13
N GLY B 378 -3.86 10.68 8.64
CA GLY B 378 -2.61 10.04 8.28
C GLY B 378 -2.87 8.70 7.62
N GLY B 379 -2.69 7.61 8.38
CA GLY B 379 -2.93 6.29 7.83
C GLY B 379 -4.38 6.10 7.41
N ALA B 380 -5.30 6.79 8.08
CA ALA B 380 -6.70 6.67 7.70
C ALA B 380 -6.92 7.16 6.27
N LEU B 381 -6.06 8.06 5.79
CA LEU B 381 -6.15 8.56 4.42
C LEU B 381 -5.30 7.74 3.45
N LEU B 382 -4.05 7.45 3.80
CA LEU B 382 -3.09 6.93 2.83
C LEU B 382 -2.95 5.41 2.86
N GLN B 383 -3.41 4.76 3.92
CA GLN B 383 -3.14 3.33 4.10
C GLN B 383 -4.41 2.51 4.26
N LYS B 384 -5.37 3.02 5.02
CA LYS B 384 -6.60 2.30 5.35
C LYS B 384 -7.59 2.35 4.21
N VAL B 385 -7.13 2.08 2.99
CA VAL B 385 -7.96 1.95 1.81
C VAL B 385 -7.47 0.70 1.09
N ASP B 386 -8.33 0.09 0.31
CA ASP B 386 -7.92 -1.09 -0.46
C ASP B 386 -8.74 -1.10 -1.74
N ARG B 387 -8.46 -2.10 -2.59
CA ARG B 387 -9.13 -2.19 -3.88
C ARG B 387 -10.63 -2.43 -3.74
N ASP B 388 -11.08 -2.93 -2.60
CA ASP B 388 -12.50 -3.15 -2.38
C ASP B 388 -13.23 -1.91 -1.90
N THR B 389 -12.52 -0.90 -1.36
CA THR B 389 -13.17 0.32 -0.92
C THR B 389 -14.11 0.85 -1.97
N GLN B 390 -13.63 0.92 -3.22
CA GLN B 390 -14.46 1.29 -4.36
C GLN B 390 -14.56 0.16 -5.38
N LYS B 391 -14.36 -1.09 -4.93
CA LYS B 391 -14.62 -2.28 -5.74
C LYS B 391 -14.01 -2.15 -7.13
N PHE B 392 -12.75 -1.78 -7.19
CA PHE B 392 -12.15 -1.48 -8.48
C PHE B 392 -11.94 -2.73 -9.30
N ALA B 393 -12.20 -2.62 -10.60
CA ALA B 393 -12.07 -3.75 -11.49
C ALA B 393 -11.61 -3.28 -12.86
N LEU B 394 -10.83 -4.14 -13.50
CA LEU B 394 -10.44 -4.04 -14.89
C LEU B 394 -10.93 -5.31 -15.56
N LYS B 395 -11.72 -5.16 -16.62
CA LYS B 395 -12.44 -6.25 -17.25
C LYS B 395 -12.28 -6.19 -18.77
N CYS B 396 -12.11 -7.37 -19.35
CA CYS B 396 -12.14 -7.50 -20.80
C CYS B 396 -13.56 -7.37 -21.29
N SER B 397 -13.79 -6.48 -22.24
CA SER B 397 -15.13 -6.30 -22.75
C SER B 397 -15.30 -6.73 -24.21
N ALA B 398 -14.21 -7.06 -24.89
CA ALA B 398 -14.29 -7.39 -26.31
C ALA B 398 -12.94 -7.91 -26.75
N VAL B 399 -12.98 -8.82 -27.72
CA VAL B 399 -11.79 -9.32 -28.41
C VAL B 399 -12.15 -9.41 -29.89
N ARG B 400 -11.14 -9.31 -30.76
CA ARG B 400 -11.31 -9.52 -32.20
C ARG B 400 -10.80 -10.91 -32.56
N VAL B 401 -11.66 -11.72 -33.17
CA VAL B 401 -11.36 -13.11 -33.50
C VAL B 401 -11.78 -13.35 -34.94
N ASP B 402 -10.87 -13.88 -35.75
CA ASP B 402 -11.15 -14.17 -37.16
C ASP B 402 -11.75 -12.96 -37.86
N GLY B 403 -11.21 -11.77 -37.54
CA GLY B 403 -11.63 -10.53 -38.14
C GLY B 403 -12.75 -9.79 -37.42
N ALA B 404 -13.59 -10.51 -36.69
CA ALA B 404 -14.82 -9.96 -36.13
C ALA B 404 -14.68 -9.68 -34.64
N TRP B 405 -15.20 -8.53 -34.21
CA TRP B 405 -15.26 -8.18 -32.80
C TRP B 405 -16.37 -8.98 -32.12
N ILE B 406 -16.08 -9.53 -30.95
CA ILE B 406 -17.10 -10.21 -30.16
C ILE B 406 -17.09 -9.65 -28.75
N ASP B 407 -18.29 -9.48 -28.19
CA ASP B 407 -18.45 -9.06 -26.80
C ASP B 407 -17.93 -10.12 -25.83
N VAL B 408 -17.38 -9.66 -24.70
CA VAL B 408 -16.89 -10.53 -23.63
C VAL B 408 -17.52 -10.08 -22.32
N TYR B 409 -18.15 -11.02 -21.60
CA TYR B 409 -18.91 -10.64 -20.41
C TYR B 409 -19.09 -11.84 -19.49
N LYS B 410 -19.36 -11.54 -18.22
CA LYS B 410 -19.74 -12.56 -17.23
C LYS B 410 -21.26 -12.75 -17.24
N GLN B 419 -27.73 -6.53 -20.64
CA GLN B 419 -27.69 -5.57 -19.55
C GLN B 419 -26.26 -5.27 -19.12
N SER B 420 -25.42 -6.31 -19.05
CA SER B 420 -24.02 -6.16 -18.66
C SER B 420 -23.25 -5.28 -19.65
N LYS B 421 -22.31 -4.48 -19.12
CA LYS B 421 -21.46 -3.68 -19.99
C LYS B 421 -20.49 -4.56 -20.79
N ARG B 422 -20.46 -4.34 -22.11
CA ARG B 422 -19.68 -5.18 -23.00
C ARG B 422 -19.42 -4.44 -24.30
N GLY B 423 -18.52 -5.00 -25.09
CA GLY B 423 -18.17 -4.37 -26.35
C GLY B 423 -17.12 -3.29 -26.18
N ARG B 424 -16.91 -2.54 -27.25
CA ARG B 424 -15.95 -1.44 -27.21
C ARG B 424 -16.63 -0.22 -26.64
N LEU B 425 -16.15 0.25 -25.50
CA LEU B 425 -16.89 1.14 -24.62
C LEU B 425 -16.23 2.52 -24.53
N THR B 426 -17.02 3.47 -24.06
CA THR B 426 -16.51 4.79 -23.72
C THR B 426 -17.42 5.41 -22.67
N LEU B 427 -17.11 6.66 -22.33
CA LEU B 427 -17.87 7.44 -21.38
C LEU B 427 -18.37 8.68 -22.10
N LEU B 428 -19.62 9.05 -21.83
CA LEU B 428 -20.26 10.22 -22.41
C LEU B 428 -20.53 11.24 -21.32
N ARG B 429 -20.36 12.52 -21.63
CA ARG B 429 -20.82 13.61 -20.76
C ARG B 429 -21.97 14.36 -21.43
N ASP B 430 -23.12 14.37 -20.77
CA ASP B 430 -24.27 15.10 -21.28
C ASP B 430 -23.96 16.59 -21.31
N ARG B 431 -24.20 17.22 -22.47
CA ARG B 431 -23.71 18.57 -22.70
C ARG B 431 -24.39 19.60 -21.83
N ALA B 432 -25.69 19.43 -21.53
CA ALA B 432 -26.44 20.40 -20.74
C ALA B 432 -26.27 20.17 -19.24
N THR B 433 -26.27 18.92 -18.79
CA THR B 433 -26.29 18.63 -17.36
C THR B 433 -24.95 18.24 -16.78
N GLY B 434 -23.97 17.92 -17.62
CA GLY B 434 -22.71 17.38 -17.13
C GLY B 434 -22.77 15.96 -16.59
N GLN B 435 -23.92 15.29 -16.67
CA GLN B 435 -24.03 13.96 -16.11
C GLN B 435 -23.39 12.92 -17.03
N TYR B 436 -22.71 11.96 -16.42
CA TYR B 436 -21.97 10.95 -17.15
C TYR B 436 -22.79 9.69 -17.34
N ARG B 437 -22.51 8.98 -18.45
CA ARG B 437 -23.01 7.63 -18.65
C ARG B 437 -22.02 6.87 -19.54
N SER B 438 -22.04 5.53 -19.43
CA SER B 438 -21.23 4.68 -20.28
C SER B 438 -21.99 4.25 -21.52
N ALA B 439 -21.25 4.09 -22.61
CA ALA B 439 -21.86 3.83 -23.91
C ALA B 439 -20.89 3.06 -24.79
N LEU B 440 -21.44 2.47 -25.85
CA LEU B 440 -20.64 1.90 -26.93
C LEU B 440 -20.08 3.00 -27.80
N LEU B 441 -18.87 2.78 -28.32
CA LEU B 441 -18.26 3.79 -29.19
C LEU B 441 -19.16 4.14 -30.36
N ASP B 442 -19.92 3.17 -30.89
CA ASP B 442 -20.76 3.46 -32.06
C ASP B 442 -21.85 4.50 -31.75
N GLU B 443 -22.32 4.56 -30.50
CA GLU B 443 -23.35 5.51 -30.04
C GLU B 443 -22.87 6.96 -29.86
N VAL B 444 -21.57 7.27 -29.99
CA VAL B 444 -21.11 8.65 -29.75
C VAL B 444 -21.68 9.61 -30.77
N ALA B 445 -21.54 9.27 -32.05
CA ALA B 445 -22.06 10.10 -33.13
C ALA B 445 -23.58 10.26 -33.04
N THR B 446 -24.31 9.18 -32.71
CA THR B 446 -25.76 9.24 -32.70
C THR B 446 -26.26 10.22 -31.63
N HIS B 447 -25.49 10.43 -30.56
CA HIS B 447 -25.88 11.34 -29.49
C HIS B 447 -25.02 12.58 -29.44
N ALA B 448 -24.36 12.95 -30.55
CA ALA B 448 -23.44 14.09 -30.54
C ALA B 448 -24.14 15.40 -30.21
N GLY B 449 -25.45 15.49 -30.49
CA GLY B 449 -26.19 16.68 -30.12
C GLY B 449 -26.39 16.82 -28.63
N ASP B 450 -26.54 15.69 -27.92
CA ASP B 450 -26.86 15.79 -26.51
C ASP B 450 -25.65 15.61 -25.60
N SER B 451 -24.55 15.03 -26.09
CA SER B 451 -23.42 14.69 -25.22
C SER B 451 -22.12 14.69 -26.01
N ASP B 452 -21.01 14.71 -25.28
CA ASP B 452 -19.69 14.56 -25.87
C ASP B 452 -19.02 13.31 -25.28
N ASP B 453 -18.09 12.74 -26.04
CA ASP B 453 -17.25 11.68 -25.51
C ASP B 453 -16.34 12.26 -24.42
N ALA B 454 -16.42 11.70 -23.21
CA ALA B 454 -15.75 12.27 -22.05
C ALA B 454 -14.36 11.70 -21.82
N LEU B 455 -14.00 10.58 -22.46
CA LEU B 455 -12.62 10.12 -22.37
C LEU B 455 -11.73 10.90 -23.32
N VAL B 456 -10.43 10.90 -23.02
CA VAL B 456 -9.41 11.45 -23.89
C VAL B 456 -8.34 10.39 -24.06
N THR B 457 -7.61 10.46 -25.16
CA THR B 457 -6.51 9.53 -25.36
C THR B 457 -5.29 10.07 -24.64
N VAL B 458 -4.87 9.39 -23.57
CA VAL B 458 -3.75 9.89 -22.79
C VAL B 458 -2.44 9.25 -23.21
N TRP B 459 -2.49 8.11 -23.89
CA TRP B 459 -1.30 7.32 -24.13
C TRP B 459 -1.55 6.41 -25.32
N GLU B 460 -0.60 6.39 -26.25
CA GLU B 460 -0.76 5.53 -27.40
C GLU B 460 0.62 5.19 -27.96
N ASN B 461 0.88 3.89 -28.11
CA ASN B 461 2.02 3.38 -28.88
C ASN B 461 3.33 3.99 -28.41
N GLY B 462 3.52 4.04 -27.09
CA GLY B 462 4.76 4.53 -26.51
C GLY B 462 4.77 5.99 -26.11
N GLN B 463 3.74 6.75 -26.48
CA GLN B 463 3.71 8.19 -26.33
C GLN B 463 2.56 8.61 -25.42
N MET B 464 2.86 9.42 -24.42
CA MET B 464 1.82 10.11 -23.69
C MET B 464 1.33 11.26 -24.55
N LEU B 465 -0.01 11.40 -24.69
CA LEU B 465 -0.61 12.48 -25.50
C LEU B 465 -1.22 13.46 -24.55
N ARG B 466 -2.48 13.32 -24.15
CA ARG B 466 -3.06 14.24 -23.18
C ARG B 466 -2.43 14.08 -21.80
N GLU B 467 -2.03 15.21 -21.21
CA GLU B 467 -1.26 15.27 -19.99
C GLU B 467 -1.72 16.49 -19.16
N TRP B 468 -1.80 16.34 -17.84
CA TRP B 468 -2.37 17.36 -16.96
C TRP B 468 -1.32 17.92 -16.00
N THR B 469 -1.46 19.21 -15.69
CA THR B 469 -0.85 19.79 -14.50
C THR B 469 -1.76 19.49 -13.30
N LEU B 470 -1.17 19.53 -12.11
CA LEU B 470 -2.02 19.30 -10.94
C LEU B 470 -3.08 20.37 -10.82
N GLU B 471 -2.79 21.60 -11.26
CA GLU B 471 -3.80 22.64 -11.14
C GLU B 471 -4.99 22.36 -12.03
N GLN B 472 -4.76 21.77 -13.21
CA GLN B 472 -5.91 21.35 -14.03
C GLN B 472 -6.70 20.26 -13.32
N VAL B 473 -6.00 19.26 -12.73
CA VAL B 473 -6.66 18.23 -11.96
C VAL B 473 -7.46 18.85 -10.81
N ARG B 474 -6.83 19.78 -10.08
CA ARG B 474 -7.54 20.45 -8.99
C ARG B 474 -8.79 21.15 -9.49
N ALA B 475 -8.74 21.73 -10.70
CA ALA B 475 -9.89 22.47 -11.18
C ALA B 475 -11.07 21.54 -11.47
N HIS B 476 -10.80 20.36 -12.03
CA HIS B 476 -11.89 19.42 -12.29
C HIS B 476 -12.51 18.94 -10.99
N ALA B 477 -11.68 18.54 -10.03
CA ALA B 477 -12.20 18.08 -8.75
C ALA B 477 -12.98 19.19 -8.04
N ASP B 478 -12.43 20.41 -8.04
CA ASP B 478 -13.09 21.49 -7.32
C ASP B 478 -14.45 21.82 -7.90
N ALA B 479 -14.60 21.70 -9.23
CA ALA B 479 -15.87 22.07 -9.85
C ALA B 479 -16.95 21.05 -9.55
N ALA B 480 -16.56 19.80 -9.28
CA ALA B 480 -17.52 18.73 -9.01
C ALA B 480 -18.07 18.87 -7.60
N ARG B 481 -19.38 18.59 -7.46
CA ARG B 481 -20.10 18.73 -6.20
C ARG B 481 -20.99 17.51 -6.03
N LEU B 482 -21.51 17.35 -4.82
CA LEU B 482 -22.41 16.21 -4.56
C LEU B 482 -23.79 16.45 -5.17
#